data_2HPV
#
_entry.id   2HPV
#
_cell.length_a   98.038
_cell.length_b   99.629
_cell.length_c   106.737
_cell.angle_alpha   90.00
_cell.angle_beta   90.00
_cell.angle_gamma   90.00
#
_symmetry.space_group_name_H-M   'P 21 21 21'
#
loop_
_entity.id
_entity.type
_entity.pdbx_description
1 polymer 'FMN-dependent NADH-azoreductase'
2 non-polymer 'FLAVIN MONONUCLEOTIDE'
3 water water
#
_entity_poly.entity_id   1
_entity_poly.type   'polypeptide(L)'
_entity_poly.pdbx_seq_one_letter_code
;(MSE)SKLLVVKAHPLTKEESRSVRALETFLASYRETNPSDEIEILDVYAPETN(MSE)PEIDEELLSAWGALRAGAAFE
TLSENQQQKVARFNELTDQFLSADKVVIANP(MSE)WNLNVPTRLKAWVDTINVAGKTFQYTAEGPKPLTSGKKALHIQS
NGGFYEGKDFASQYIKAILNFIGVDQVDGLFIEGIDHFPDRAEELLNTA(MSE)TKATEYGKTF
;
_entity_poly.pdbx_strand_id   A,B,C,D
#
# COMPACT_ATOMS: atom_id res chain seq x y z
N SER A 2 -31.31 36.95 -11.66
CA SER A 2 -30.54 37.18 -12.92
C SER A 2 -29.37 36.24 -13.22
N LYS A 3 -28.68 35.69 -12.22
CA LYS A 3 -27.70 34.64 -12.60
C LYS A 3 -28.10 33.21 -12.17
N LEU A 4 -28.23 32.34 -13.16
CA LEU A 4 -28.61 30.94 -12.91
C LEU A 4 -27.40 30.05 -13.09
N LEU A 5 -27.02 29.34 -12.02
CA LEU A 5 -25.94 28.39 -12.13
C LEU A 5 -26.55 27.01 -12.43
N VAL A 6 -26.05 26.37 -13.48
CA VAL A 6 -26.43 25.00 -13.83
C VAL A 6 -25.34 24.01 -13.41
N VAL A 7 -25.67 23.12 -12.48
CA VAL A 7 -24.68 22.12 -12.02
C VAL A 7 -25.11 20.83 -12.76
N LYS A 8 -24.40 20.46 -13.80
CA LYS A 8 -24.73 19.20 -14.52
C LYS A 8 -23.90 18.03 -13.91
N ALA A 9 -24.59 17.23 -13.11
CA ALA A 9 -23.92 16.16 -12.40
C ALA A 9 -24.35 14.79 -12.98
N HIS A 10 -24.18 14.71 -14.31
CA HIS A 10 -24.37 13.48 -15.06
C HIS A 10 -23.28 13.41 -16.09
N PRO A 11 -22.59 12.23 -16.22
CA PRO A 11 -21.56 12.15 -17.27
C PRO A 11 -22.04 12.13 -18.73
N LEU A 12 -23.31 11.84 -18.98
CA LEU A 12 -23.79 11.67 -20.38
C LEU A 12 -24.60 12.87 -20.85
N THR A 13 -25.16 12.74 -22.06
CA THR A 13 -25.88 13.84 -22.70
C THR A 13 -27.37 13.58 -22.68
N LYS A 14 -28.15 14.56 -23.15
CA LYS A 14 -29.62 14.44 -23.19
C LYS A 14 -30.17 13.21 -23.90
N GLU A 15 -29.41 12.68 -24.85
CA GLU A 15 -29.86 11.52 -25.63
C GLU A 15 -29.77 10.20 -24.84
N GLU A 16 -28.95 10.20 -23.78
CA GLU A 16 -28.72 9.01 -23.00
C GLU A 16 -29.24 9.15 -21.59
N SER A 17 -29.74 10.32 -21.23
CA SER A 17 -30.05 10.55 -19.83
C SER A 17 -31.34 11.31 -19.67
N ARG A 18 -32.20 10.78 -18.81
CA ARG A 18 -33.46 11.40 -18.46
C ARG A 18 -33.31 12.68 -17.60
N SER A 19 -32.38 12.66 -16.63
CA SER A 19 -31.96 13.86 -15.84
C SER A 19 -31.51 15.01 -16.77
N VAL A 20 -30.63 14.71 -17.73
CA VAL A 20 -30.08 15.70 -18.65
C VAL A 20 -31.13 16.23 -19.66
N ARG A 21 -31.98 15.31 -20.16
CA ARG A 21 -33.12 15.65 -21.03
C ARG A 21 -34.09 16.60 -20.30
N ALA A 22 -34.41 16.33 -19.04
CA ALA A 22 -35.32 17.21 -18.32
C ALA A 22 -34.63 18.57 -18.03
N LEU A 23 -33.34 18.53 -17.71
CA LEU A 23 -32.51 19.77 -17.59
C LEU A 23 -32.56 20.65 -18.84
N GLU A 24 -32.30 20.04 -19.99
CA GLU A 24 -32.31 20.74 -21.29
C GLU A 24 -33.67 21.37 -21.62
N THR A 25 -34.78 20.68 -21.36
CA THR A 25 -36.11 21.29 -21.60
C THR A 25 -36.48 22.37 -20.56
N PHE A 26 -36.08 22.16 -19.30
CA PHE A 26 -36.11 23.26 -18.34
C PHE A 26 -35.32 24.51 -18.81
N LEU A 27 -34.10 24.32 -19.28
CA LEU A 27 -33.26 25.46 -19.64
C LEU A 27 -33.78 26.23 -20.89
N ALA A 28 -34.30 25.50 -21.89
CA ALA A 28 -34.92 26.11 -23.08
C ALA A 28 -36.06 26.97 -22.64
N SER A 29 -36.91 26.46 -21.76
CA SER A 29 -38.03 27.24 -21.25
C SER A 29 -37.55 28.42 -20.39
N TYR A 30 -36.57 28.17 -19.53
CA TYR A 30 -36.05 29.21 -18.66
C TYR A 30 -35.47 30.40 -19.49
N ARG A 31 -34.65 30.10 -20.50
CA ARG A 31 -34.00 31.10 -21.36
C ARG A 31 -35.03 31.95 -22.12
N GLU A 32 -36.02 31.29 -22.69
CA GLU A 32 -37.13 31.96 -23.34
C GLU A 32 -37.94 32.86 -22.39
N THR A 33 -38.09 32.43 -21.14
CA THR A 33 -38.86 33.20 -20.17
C THR A 33 -38.03 34.32 -19.58
N ASN A 34 -36.71 34.10 -19.44
CA ASN A 34 -35.77 35.07 -18.77
C ASN A 34 -34.59 35.34 -19.68
N PRO A 35 -34.87 35.99 -20.86
CA PRO A 35 -33.83 36.20 -21.84
C PRO A 35 -32.64 37.00 -21.31
N SER A 36 -32.86 37.88 -20.32
CA SER A 36 -31.73 38.69 -19.81
C SER A 36 -30.85 37.98 -18.76
N ASP A 37 -31.32 36.85 -18.21
CA ASP A 37 -30.50 36.10 -17.21
C ASP A 37 -29.20 35.50 -17.71
N GLU A 38 -28.17 35.65 -16.91
CA GLU A 38 -26.90 34.99 -17.19
C GLU A 38 -27.02 33.47 -16.87
N ILE A 39 -26.64 32.61 -17.80
CA ILE A 39 -26.70 31.17 -17.53
C ILE A 39 -25.31 30.63 -17.63
N GLU A 40 -24.84 30.12 -16.48
CA GLU A 40 -23.51 29.56 -16.39
C GLU A 40 -23.56 28.05 -16.13
N ILE A 41 -22.87 27.29 -16.97
CA ILE A 41 -22.91 25.83 -16.92
C ILE A 41 -21.67 25.33 -16.22
N LEU A 42 -21.88 24.49 -15.22
CA LEU A 42 -20.80 23.77 -14.59
C LEU A 42 -21.06 22.27 -14.78
N ASP A 43 -20.29 21.67 -15.68
CA ASP A 43 -20.40 20.23 -15.97
C ASP A 43 -19.33 19.57 -15.13
N VAL A 44 -19.72 19.01 -14.00
CA VAL A 44 -18.77 18.46 -13.03
C VAL A 44 -18.11 17.15 -13.44
N TYR A 45 -18.57 16.53 -14.52
CA TYR A 45 -17.88 15.36 -15.09
C TYR A 45 -16.86 15.69 -16.20
N ALA A 46 -16.94 16.88 -16.78
CA ALA A 46 -16.08 17.26 -17.91
C ALA A 46 -14.62 17.35 -17.47
N PRO A 47 -13.69 16.74 -18.24
CA PRO A 47 -12.25 16.88 -17.98
C PRO A 47 -11.79 18.35 -17.89
N GLU A 48 -12.40 19.20 -18.73
CA GLU A 48 -12.11 20.66 -18.81
C GLU A 48 -12.41 21.38 -17.49
N THR A 49 -13.36 20.83 -16.71
CA THR A 49 -13.83 21.47 -15.47
C THR A 49 -12.74 21.44 -14.33
N ASN A 50 -11.82 20.48 -14.42
CA ASN A 50 -10.75 20.26 -13.44
C ASN A 50 -11.38 20.26 -12.04
N PRO A 52 -12.08 19.80 -8.43
CA PRO A 52 -11.29 19.43 -7.27
C PRO A 52 -11.99 18.31 -6.48
N GLU A 53 -11.17 17.58 -5.74
CA GLU A 53 -11.56 16.51 -4.89
C GLU A 53 -10.84 16.76 -3.58
N ILE A 54 -11.53 16.69 -2.44
CA ILE A 54 -10.85 16.79 -1.12
C ILE A 54 -9.95 15.56 -0.98
N ASP A 55 -8.62 15.83 -0.95
CA ASP A 55 -7.60 14.80 -0.96
C ASP A 55 -6.43 15.21 -0.03
N GLU A 56 -5.36 14.44 -0.03
CA GLU A 56 -4.23 14.76 0.84
C GLU A 56 -3.63 16.14 0.58
N GLU A 57 -3.42 16.48 -0.68
CA GLU A 57 -2.81 17.79 -1.01
C GLU A 57 -3.68 18.95 -0.57
N LEU A 58 -4.99 18.84 -0.83
CA LEU A 58 -5.94 19.86 -0.34
C LEU A 58 -6.07 19.97 1.18
N LEU A 59 -6.29 18.85 1.85
CA LEU A 59 -6.36 18.89 3.32
C LEU A 59 -5.10 19.52 3.95
N SER A 60 -3.93 19.13 3.46
CA SER A 60 -2.65 19.69 3.91
C SER A 60 -2.42 21.17 3.51
N ALA A 61 -2.76 21.56 2.28
CA ALA A 61 -2.78 22.97 1.89
C ALA A 61 -3.57 23.83 2.88
N TRP A 62 -4.77 23.37 3.25
CA TRP A 62 -5.62 24.07 4.21
C TRP A 62 -5.04 24.13 5.62
N GLY A 63 -4.39 23.04 6.06
CA GLY A 63 -3.56 23.04 7.31
C GLY A 63 -2.40 24.06 7.23
N ALA A 64 -1.51 23.88 6.25
CA ALA A 64 -0.42 24.85 5.93
C ALA A 64 -0.84 26.33 5.92
N LEU A 65 -2.06 26.62 5.47
CA LEU A 65 -2.64 27.98 5.52
C LEU A 65 -3.29 28.37 6.86
N ARG A 66 -3.93 27.40 7.54
CA ARG A 66 -4.39 27.58 8.92
C ARG A 66 -3.22 27.98 9.80
N ALA A 67 -2.09 27.31 9.56
CA ALA A 67 -0.88 27.49 10.35
C ALA A 67 -0.32 28.87 10.08
N GLY A 68 0.04 29.11 8.81
CA GLY A 68 0.41 30.45 8.36
C GLY A 68 1.46 30.47 7.29
N ALA A 69 1.43 29.48 6.40
CA ALA A 69 2.29 29.55 5.24
C ALA A 69 1.66 30.53 4.26
N ALA A 70 2.52 31.17 3.46
CA ALA A 70 2.05 32.04 2.39
C ALA A 70 1.54 31.15 1.26
N PHE A 71 0.43 31.53 0.67
CA PHE A 71 -0.13 30.82 -0.46
C PHE A 71 0.97 30.41 -1.48
N GLU A 72 2.13 31.11 -1.44
CA GLU A 72 3.27 30.87 -2.36
C GLU A 72 4.28 29.79 -1.90
N THR A 73 4.20 29.40 -0.62
CA THR A 73 4.96 28.25 -0.08
C THR A 73 4.34 26.87 -0.41
N LEU A 74 3.19 26.88 -1.09
CA LEU A 74 2.50 25.65 -1.46
C LEU A 74 3.00 25.26 -2.84
N SER A 75 3.00 23.96 -3.12
CA SER A 75 3.36 23.50 -4.46
C SER A 75 2.41 24.12 -5.49
N GLU A 76 2.90 24.24 -6.72
CA GLU A 76 2.08 24.64 -7.84
C GLU A 76 0.73 23.89 -7.88
N ASN A 77 0.76 22.60 -7.55
CA ASN A 77 -0.43 21.76 -7.61
C ASN A 77 -1.44 21.98 -6.46
N GLN A 78 -0.92 22.23 -5.25
CA GLN A 78 -1.73 22.72 -4.14
C GLN A 78 -2.38 24.09 -4.39
N GLN A 79 -1.62 25.03 -4.95
CA GLN A 79 -2.13 26.40 -5.12
C GLN A 79 -3.26 26.33 -6.13
N GLN A 80 -3.08 25.46 -7.12
CA GLN A 80 -4.06 25.26 -8.15
C GLN A 80 -5.37 24.71 -7.55
N LYS A 81 -5.26 23.71 -6.66
CA LYS A 81 -6.42 23.01 -6.07
C LYS A 81 -7.18 23.92 -5.12
N VAL A 82 -6.43 24.55 -4.21
CA VAL A 82 -6.94 25.60 -3.34
C VAL A 82 -7.69 26.66 -4.13
N ALA A 83 -7.10 27.14 -5.23
CA ALA A 83 -7.70 28.25 -5.95
C ALA A 83 -8.91 27.74 -6.71
N ARG A 84 -8.81 26.54 -7.28
CA ARG A 84 -9.97 25.95 -8.01
C ARG A 84 -11.14 25.68 -7.08
N PHE A 85 -10.86 25.09 -5.92
CA PHE A 85 -11.89 24.88 -4.89
C PHE A 85 -12.61 26.20 -4.55
N ASN A 86 -11.82 27.24 -4.28
CA ASN A 86 -12.34 28.59 -3.97
C ASN A 86 -13.14 29.24 -5.10
N GLU A 87 -12.73 29.00 -6.35
CA GLU A 87 -13.49 29.46 -7.53
C GLU A 87 -14.88 28.86 -7.51
N LEU A 88 -14.95 27.57 -7.17
CA LEU A 88 -16.25 26.91 -7.13
C LEU A 88 -17.16 27.44 -6.02
N THR A 89 -16.60 27.67 -4.84
CA THR A 89 -17.39 28.31 -3.78
C THR A 89 -17.94 29.73 -4.21
N ASP A 90 -17.07 30.55 -4.81
CA ASP A 90 -17.42 31.92 -5.19
C ASP A 90 -18.45 31.92 -6.33
N GLN A 91 -18.31 30.96 -7.27
CA GLN A 91 -19.33 30.73 -8.32
C GLN A 91 -20.72 30.51 -7.77
N PHE A 92 -20.83 29.60 -6.80
CA PHE A 92 -22.08 29.40 -6.09
C PHE A 92 -22.58 30.72 -5.49
N LEU A 93 -21.69 31.42 -4.81
CA LEU A 93 -22.05 32.67 -4.10
C LEU A 93 -22.57 33.77 -5.05
N SER A 94 -22.05 33.75 -6.26
CA SER A 94 -22.46 34.64 -7.39
C SER A 94 -23.84 34.38 -7.99
N ALA A 95 -24.32 33.14 -7.83
CA ALA A 95 -25.56 32.67 -8.40
C ALA A 95 -26.82 33.08 -7.60
N ASP A 96 -27.82 33.59 -8.30
CA ASP A 96 -29.11 33.89 -7.69
C ASP A 96 -29.98 32.62 -7.57
N LYS A 97 -29.84 31.76 -8.57
CA LYS A 97 -30.57 30.51 -8.68
C LYS A 97 -29.59 29.39 -9.07
N VAL A 98 -29.89 28.15 -8.67
CA VAL A 98 -29.05 27.00 -9.00
C VAL A 98 -29.99 25.90 -9.48
N VAL A 99 -29.60 25.26 -10.57
CA VAL A 99 -30.28 24.03 -10.97
C VAL A 99 -29.27 22.89 -10.97
N ILE A 100 -29.62 21.83 -10.23
CA ILE A 100 -28.78 20.59 -10.10
C ILE A 100 -29.45 19.41 -10.80
N ALA A 101 -28.72 18.75 -11.70
CA ALA A 101 -29.29 17.61 -12.41
C ALA A 101 -28.36 16.44 -12.23
N ASN A 102 -28.89 15.33 -11.74
CA ASN A 102 -28.15 14.10 -11.54
C ASN A 102 -29.08 12.88 -11.57
N PRO A 103 -28.50 11.69 -11.84
CA PRO A 103 -29.23 10.43 -11.62
C PRO A 103 -29.09 9.92 -10.15
N TRP A 105 -27.87 7.12 -8.04
CA TRP A 105 -27.00 5.97 -8.15
C TRP A 105 -26.70 5.45 -6.76
N ASN A 106 -27.31 4.32 -6.42
CA ASN A 106 -27.06 3.70 -5.12
C ASN A 106 -27.45 4.55 -3.93
N LEU A 107 -28.64 5.13 -4.04
CA LEU A 107 -29.35 5.82 -2.96
C LEU A 107 -28.63 7.07 -2.38
N ASN A 108 -27.72 7.65 -3.17
CA ASN A 108 -26.90 8.81 -2.77
C ASN A 108 -26.59 9.62 -4.01
N VAL A 109 -26.07 10.83 -3.84
CA VAL A 109 -25.63 11.62 -5.01
C VAL A 109 -24.39 10.99 -5.67
N PRO A 110 -24.22 11.13 -6.99
CA PRO A 110 -23.01 10.68 -7.66
C PRO A 110 -21.75 11.32 -7.06
N THR A 111 -20.60 10.66 -7.22
CA THR A 111 -19.37 11.11 -6.63
C THR A 111 -19.04 12.59 -6.92
N ARG A 112 -19.09 13.01 -8.19
CA ARG A 112 -18.76 14.41 -8.57
C ARG A 112 -19.78 15.44 -8.05
N LEU A 113 -21.01 15.01 -7.78
CA LEU A 113 -21.98 15.90 -7.14
C LEU A 113 -21.62 16.08 -5.64
N LYS A 114 -21.23 15.00 -4.93
CA LYS A 114 -20.71 15.19 -3.58
C LYS A 114 -19.51 16.13 -3.63
N ALA A 115 -18.62 15.97 -4.63
CA ALA A 115 -17.44 16.86 -4.74
C ALA A 115 -17.85 18.34 -4.85
N TRP A 116 -18.87 18.63 -5.65
CA TRP A 116 -19.40 20.01 -5.77
C TRP A 116 -20.02 20.52 -4.46
N VAL A 117 -20.80 19.64 -3.81
CA VAL A 117 -21.34 19.98 -2.49
C VAL A 117 -20.21 20.35 -1.47
N ASP A 118 -19.09 19.62 -1.54
CA ASP A 118 -17.91 19.96 -0.69
C ASP A 118 -17.44 21.40 -0.88
N THR A 119 -17.55 21.94 -2.10
CA THR A 119 -17.18 23.34 -2.39
C THR A 119 -18.18 24.37 -1.88
N ILE A 120 -19.40 23.97 -1.57
CA ILE A 120 -20.37 25.00 -1.20
C ILE A 120 -20.67 25.07 0.28
N ASN A 121 -20.00 24.24 1.07
CA ASN A 121 -20.21 24.19 2.50
C ASN A 121 -18.91 24.69 3.16
N VAL A 122 -18.71 26.01 3.22
CA VAL A 122 -17.40 26.59 3.66
C VAL A 122 -17.55 27.65 4.77
N ALA A 123 -16.92 27.41 5.90
CA ALA A 123 -17.11 28.24 7.08
C ALA A 123 -16.55 29.63 6.74
N GLY A 124 -17.26 30.69 7.11
CA GLY A 124 -16.90 32.05 6.69
C GLY A 124 -17.19 32.39 5.24
N LYS A 125 -17.79 31.46 4.50
CA LYS A 125 -18.21 31.78 3.12
C LYS A 125 -19.69 31.51 2.86
N THR A 126 -20.19 30.32 3.21
CA THR A 126 -21.59 29.99 2.98
C THR A 126 -22.35 29.77 4.29
N PHE A 127 -21.59 29.56 5.36
CA PHE A 127 -22.12 29.43 6.69
C PHE A 127 -21.07 29.98 7.69
N GLN A 128 -21.52 30.30 8.90
CA GLN A 128 -20.62 30.82 9.93
C GLN A 128 -20.95 30.23 11.30
N TYR A 129 -19.90 30.12 12.12
CA TYR A 129 -20.07 29.72 13.52
C TYR A 129 -20.49 30.96 14.38
N THR A 130 -21.55 30.81 15.16
CA THR A 130 -22.00 31.84 16.09
C THR A 130 -22.14 31.23 17.50
N ALA A 131 -22.38 32.06 18.52
CA ALA A 131 -22.62 31.54 19.89
C ALA A 131 -23.85 30.61 19.99
N GLU A 132 -24.76 30.72 19.01
CA GLU A 132 -26.01 29.94 18.97
C GLU A 132 -25.94 28.73 18.05
N GLY A 133 -24.77 28.49 17.47
CA GLY A 133 -24.60 27.43 16.45
C GLY A 133 -24.24 27.95 15.06
N PRO A 134 -24.09 27.03 14.08
CA PRO A 134 -23.81 27.53 12.74
C PRO A 134 -25.00 28.22 12.11
N LYS A 135 -24.73 29.24 11.30
CA LYS A 135 -25.77 30.05 10.70
C LYS A 135 -25.42 30.29 9.26
N PRO A 136 -26.44 30.32 8.38
CA PRO A 136 -26.14 30.52 6.96
C PRO A 136 -25.59 31.91 6.62
N LEU A 137 -24.85 31.95 5.54
CA LEU A 137 -24.36 33.20 5.08
C LEU A 137 -24.97 33.62 3.73
N THR A 138 -25.83 32.79 3.15
CA THR A 138 -26.56 33.26 1.98
C THR A 138 -28.01 33.46 2.32
N SER A 139 -28.71 34.28 1.53
CA SER A 139 -30.17 34.40 1.59
C SER A 139 -30.69 34.81 0.22
N GLY A 140 -31.96 34.51 0.01
CA GLY A 140 -32.63 34.79 -1.24
C GLY A 140 -32.27 33.93 -2.44
N LYS A 141 -31.41 32.91 -2.29
CA LYS A 141 -31.17 31.99 -3.44
C LYS A 141 -32.34 31.00 -3.57
N LYS A 142 -32.55 30.51 -4.80
CA LYS A 142 -33.52 29.48 -5.11
C LYS A 142 -32.78 28.31 -5.77
N ALA A 143 -33.26 27.10 -5.51
CA ALA A 143 -32.68 25.89 -6.09
C ALA A 143 -33.78 25.03 -6.66
N LEU A 144 -33.42 24.34 -7.74
CA LEU A 144 -34.24 23.31 -8.35
C LEU A 144 -33.39 22.03 -8.46
N HIS A 145 -33.88 20.94 -7.85
CA HIS A 145 -33.23 19.63 -8.02
C HIS A 145 -33.97 18.74 -9.01
N ILE A 146 -33.30 18.47 -10.12
CA ILE A 146 -33.82 17.61 -11.16
C ILE A 146 -33.09 16.27 -11.01
N GLN A 147 -33.83 15.21 -10.70
CA GLN A 147 -33.14 13.93 -10.53
C GLN A 147 -34.00 12.80 -11.08
N SER A 148 -33.34 11.86 -11.76
CA SER A 148 -34.02 10.64 -12.25
C SER A 148 -33.70 9.43 -11.37
N ASN A 149 -34.75 8.72 -10.94
CA ASN A 149 -34.71 7.51 -10.09
C ASN A 149 -35.31 6.25 -10.83
N GLY A 150 -34.73 5.08 -10.58
CA GLY A 150 -35.29 3.81 -11.09
C GLY A 150 -36.70 3.57 -10.58
N GLY A 151 -36.89 3.69 -9.26
CA GLY A 151 -38.15 3.40 -8.60
C GLY A 151 -38.84 4.68 -8.21
N PHE A 152 -40.00 4.56 -7.57
CA PHE A 152 -40.73 5.74 -7.08
C PHE A 152 -40.41 5.99 -5.62
N TYR A 153 -39.70 7.08 -5.35
CA TYR A 153 -39.42 7.46 -3.99
C TYR A 153 -40.37 8.60 -3.73
N GLU A 154 -40.73 8.85 -2.49
CA GLU A 154 -41.69 9.95 -2.33
C GLU A 154 -40.96 11.21 -1.91
N GLY A 155 -40.00 11.60 -2.75
CA GLY A 155 -39.08 12.70 -2.41
C GLY A 155 -38.29 12.33 -1.18
N LYS A 156 -38.49 11.07 -0.76
CA LYS A 156 -37.96 10.53 0.49
C LYS A 156 -36.62 9.81 0.30
N ASP A 157 -36.11 9.76 -0.92
CA ASP A 157 -34.81 9.10 -1.12
C ASP A 157 -33.72 9.94 -0.46
N PHE A 158 -32.64 9.29 -0.08
CA PHE A 158 -31.45 9.88 0.54
C PHE A 158 -30.82 11.03 -0.28
N ALA A 159 -30.70 10.83 -1.60
CA ALA A 159 -29.97 11.80 -2.43
C ALA A 159 -30.65 13.19 -2.44
N SER A 160 -31.96 13.20 -2.69
CA SER A 160 -32.72 14.45 -2.72
C SER A 160 -32.84 15.05 -1.30
N GLN A 161 -32.99 14.20 -0.28
CA GLN A 161 -33.01 14.73 1.08
C GLN A 161 -31.66 15.36 1.47
N TYR A 162 -30.56 14.74 1.08
CA TYR A 162 -29.21 15.29 1.33
C TYR A 162 -29.01 16.68 0.65
N ILE A 163 -29.27 16.74 -0.64
CA ILE A 163 -29.18 18.00 -1.39
C ILE A 163 -30.01 19.08 -0.74
N LYS A 164 -31.26 18.77 -0.38
CA LYS A 164 -32.08 19.73 0.34
C LYS A 164 -31.50 20.17 1.69
N ALA A 165 -31.00 19.22 2.51
CA ALA A 165 -30.47 19.56 3.82
C ALA A 165 -29.26 20.48 3.67
N ILE A 166 -28.37 20.14 2.76
CA ILE A 166 -27.19 20.98 2.53
C ILE A 166 -27.56 22.38 2.07
N LEU A 167 -28.47 22.46 1.09
CA LEU A 167 -28.92 23.76 0.58
C LEU A 167 -29.63 24.58 1.67
N ASN A 168 -30.55 23.94 2.40
CA ASN A 168 -31.16 24.58 3.56
C ASN A 168 -30.11 25.12 4.56
N PHE A 169 -29.07 24.33 4.86
CA PHE A 169 -28.01 24.72 5.84
C PHE A 169 -27.30 26.03 5.48
N ILE A 170 -27.03 26.22 4.21
CA ILE A 170 -26.31 27.39 3.81
C ILE A 170 -27.26 28.55 3.49
N GLY A 171 -28.56 28.35 3.71
CA GLY A 171 -29.50 29.46 3.64
C GLY A 171 -30.40 29.50 2.43
N VAL A 172 -30.28 28.47 1.57
CA VAL A 172 -31.21 28.29 0.45
C VAL A 172 -32.51 27.62 0.94
N ASP A 173 -33.50 28.47 1.18
CA ASP A 173 -34.70 27.99 1.81
C ASP A 173 -35.74 27.48 0.81
N GLN A 174 -35.66 27.95 -0.43
CA GLN A 174 -36.58 27.48 -1.48
C GLN A 174 -35.90 26.43 -2.31
N VAL A 175 -36.29 25.17 -2.13
CA VAL A 175 -35.74 24.04 -2.88
C VAL A 175 -36.88 23.32 -3.60
N ASP A 176 -36.89 23.37 -4.93
CA ASP A 176 -37.90 22.64 -5.67
C ASP A 176 -37.32 21.33 -6.20
N GLY A 177 -38.18 20.36 -6.46
CA GLY A 177 -37.80 19.10 -7.01
C GLY A 177 -38.53 18.84 -8.30
N LEU A 178 -37.80 18.22 -9.21
CA LEU A 178 -38.40 17.55 -10.35
C LEU A 178 -37.78 16.15 -10.48
N PHE A 179 -38.60 15.13 -10.28
CA PHE A 179 -38.15 13.76 -10.21
C PHE A 179 -38.70 12.92 -11.35
N ILE A 180 -37.81 12.29 -12.12
CA ILE A 180 -38.22 11.49 -13.28
C ILE A 180 -38.06 10.07 -12.79
N GLU A 181 -39.19 9.47 -12.43
CA GLU A 181 -39.16 8.22 -11.65
C GLU A 181 -39.89 7.07 -12.31
N GLY A 182 -39.38 5.87 -12.11
CA GLY A 182 -40.28 4.72 -12.18
C GLY A 182 -40.34 4.04 -13.51
N ILE A 183 -39.58 4.56 -14.47
CA ILE A 183 -39.48 3.92 -15.76
C ILE A 183 -38.80 2.56 -15.69
N ASP A 184 -37.77 2.41 -14.86
CA ASP A 184 -37.13 1.11 -14.72
C ASP A 184 -38.07 0.02 -14.17
N HIS A 185 -39.00 0.43 -13.32
CA HIS A 185 -40.01 -0.48 -12.78
C HIS A 185 -41.05 -0.81 -13.84
N PHE A 186 -41.47 0.19 -14.61
CA PHE A 186 -42.55 0.05 -15.60
C PHE A 186 -42.13 0.56 -16.96
N PRO A 187 -41.25 -0.17 -17.67
CA PRO A 187 -40.70 0.39 -18.92
C PRO A 187 -41.79 0.68 -19.96
N ASP A 188 -42.95 0.06 -19.82
CA ASP A 188 -44.04 0.28 -20.76
C ASP A 188 -44.74 1.62 -20.53
N ARG A 189 -44.49 2.26 -19.39
CA ARG A 189 -44.99 3.62 -19.16
C ARG A 189 -43.94 4.71 -19.45
N ALA A 190 -42.86 4.38 -20.13
CA ALA A 190 -41.80 5.37 -20.47
C ALA A 190 -42.33 6.64 -21.17
N GLU A 191 -43.07 6.50 -22.27
CA GLU A 191 -43.60 7.67 -23.01
C GLU A 191 -44.43 8.61 -22.12
N GLU A 192 -45.33 8.03 -21.34
CA GLU A 192 -46.24 8.75 -20.45
C GLU A 192 -45.50 9.48 -19.28
N LEU A 193 -44.61 8.75 -18.63
CA LEU A 193 -43.83 9.33 -17.51
C LEU A 193 -42.84 10.39 -18.00
N LEU A 194 -42.23 10.17 -19.15
CA LEU A 194 -41.31 11.07 -19.75
C LEU A 194 -42.03 12.35 -20.20
N ASN A 195 -43.21 12.17 -20.81
CA ASN A 195 -44.05 13.30 -21.13
C ASN A 195 -44.44 14.14 -19.91
N THR A 196 -44.83 13.48 -18.82
CA THR A 196 -45.22 14.21 -17.61
C THR A 196 -44.05 15.08 -17.09
N ALA A 197 -42.87 14.46 -17.11
CA ALA A 197 -41.63 15.08 -16.66
C ALA A 197 -41.20 16.25 -17.58
N THR A 199 -43.19 18.11 -19.45
CA THR A 199 -44.09 19.26 -19.25
C THR A 199 -43.82 19.98 -17.92
N LYS A 200 -43.51 19.23 -16.86
CA LYS A 200 -43.09 19.81 -15.59
C LYS A 200 -41.79 20.62 -15.75
N ALA A 201 -40.85 20.14 -16.54
CA ALA A 201 -39.62 20.86 -16.79
C ALA A 201 -39.87 22.21 -17.47
N THR A 202 -40.70 22.21 -18.52
CA THR A 202 -41.05 23.44 -19.24
C THR A 202 -41.70 24.41 -18.30
N GLU A 203 -42.64 23.92 -17.50
CA GLU A 203 -43.38 24.73 -16.56
C GLU A 203 -42.48 25.40 -15.51
N TYR A 204 -41.52 24.63 -14.96
CA TYR A 204 -40.48 25.18 -14.06
C TYR A 204 -39.74 26.26 -14.80
N GLY A 205 -39.45 26.05 -16.09
CA GLY A 205 -38.82 27.08 -16.93
C GLY A 205 -39.51 28.47 -16.87
N LYS A 206 -40.82 28.45 -16.69
CA LYS A 206 -41.68 29.64 -16.70
C LYS A 206 -41.91 30.26 -15.31
N THR A 207 -41.72 29.48 -14.25
CA THR A 207 -42.05 29.93 -12.89
C THR A 207 -40.87 30.06 -11.91
N PHE A 208 -39.75 29.35 -12.16
CA PHE A 208 -38.57 29.34 -11.26
C PHE A 208 -37.81 30.64 -11.26
N SER B 2 -12.42 -14.97 9.07
CA SER B 2 -11.24 -15.55 8.31
C SER B 2 -10.59 -14.50 7.42
N LYS B 3 -11.28 -13.97 6.42
CA LYS B 3 -10.71 -12.83 5.66
C LYS B 3 -11.34 -11.47 6.04
N LEU B 4 -10.51 -10.57 6.55
CA LEU B 4 -10.96 -9.22 6.93
C LEU B 4 -10.55 -8.22 5.83
N LEU B 5 -11.53 -7.60 5.18
CA LEU B 5 -11.26 -6.46 4.28
C LEU B 5 -11.32 -5.11 5.02
N VAL B 6 -10.26 -4.32 4.89
CA VAL B 6 -10.16 -3.01 5.51
C VAL B 6 -10.35 -2.00 4.39
N VAL B 7 -11.42 -1.23 4.48
CA VAL B 7 -11.66 -0.09 3.58
C VAL B 7 -11.25 1.19 4.31
N LYS B 8 -10.08 1.73 3.97
CA LYS B 8 -9.62 2.96 4.59
C LYS B 8 -10.03 4.06 3.63
N ALA B 9 -10.95 4.90 4.06
CA ALA B 9 -11.41 5.98 3.21
C ALA B 9 -11.09 7.29 3.91
N HIS B 10 -9.80 7.58 4.02
CA HIS B 10 -9.32 8.82 4.54
C HIS B 10 -8.01 9.08 3.84
N PRO B 11 -7.80 10.32 3.33
CA PRO B 11 -6.51 10.60 2.69
C PRO B 11 -5.29 10.64 3.62
N LEU B 12 -5.48 10.77 4.94
CA LEU B 12 -4.34 11.00 5.85
C LEU B 12 -3.99 9.77 6.68
N THR B 13 -2.96 9.87 7.52
CA THR B 13 -2.50 8.75 8.32
C THR B 13 -3.02 8.87 9.75
N LYS B 14 -2.70 7.87 10.58
CA LYS B 14 -3.14 7.82 11.99
C LYS B 14 -2.59 9.01 12.80
N GLU B 15 -1.47 9.54 12.33
CA GLU B 15 -0.88 10.69 12.99
C GLU B 15 -1.70 11.96 12.82
N GLU B 16 -2.53 12.04 11.76
CA GLU B 16 -3.32 13.26 11.51
C GLU B 16 -4.84 13.00 11.53
N SER B 17 -5.29 11.76 11.77
CA SER B 17 -6.70 11.45 11.64
C SER B 17 -7.19 10.64 12.83
N ARG B 18 -8.25 11.11 13.45
CA ARG B 18 -8.93 10.37 14.54
C ARG B 18 -9.54 9.02 14.05
N SER B 19 -10.19 9.04 12.90
CA SER B 19 -10.72 7.73 12.44
C SER B 19 -9.64 6.74 12.00
N VAL B 20 -8.53 7.23 11.42
CA VAL B 20 -7.45 6.37 11.04
C VAL B 20 -6.73 5.84 12.27
N ARG B 21 -6.55 6.65 13.32
CA ARG B 21 -5.92 6.20 14.57
C ARG B 21 -6.74 5.07 15.24
N ALA B 22 -8.05 5.24 15.28
CA ALA B 22 -8.99 4.21 15.78
C ALA B 22 -8.94 2.95 14.93
N LEU B 23 -8.90 3.14 13.60
CA LEU B 23 -8.70 1.97 12.69
C LEU B 23 -7.42 1.15 13.00
N GLU B 24 -6.33 1.85 13.17
CA GLU B 24 -5.05 1.21 13.45
C GLU B 24 -5.02 0.52 14.80
N THR B 25 -5.60 1.15 15.82
CA THR B 25 -5.77 0.49 17.14
C THR B 25 -6.59 -0.79 16.98
N PHE B 26 -7.74 -0.68 16.31
CA PHE B 26 -8.57 -1.83 16.05
C PHE B 26 -7.78 -2.96 15.33
N LEU B 27 -7.06 -2.58 14.27
CA LEU B 27 -6.29 -3.58 13.47
C LEU B 27 -5.21 -4.25 14.28
N ALA B 28 -4.48 -3.48 15.07
CA ALA B 28 -3.44 -4.07 15.89
C ALA B 28 -4.05 -5.12 16.85
N SER B 29 -5.18 -4.75 17.49
CA SER B 29 -5.85 -5.63 18.40
C SER B 29 -6.46 -6.84 17.68
N TYR B 30 -7.08 -6.63 16.49
CA TYR B 30 -7.57 -7.70 15.67
C TYR B 30 -6.46 -8.70 15.22
N ARG B 31 -5.31 -8.22 14.73
CA ARG B 31 -4.25 -9.16 14.33
C ARG B 31 -3.73 -9.98 15.52
N GLU B 32 -3.59 -9.33 16.67
CA GLU B 32 -3.18 -10.03 17.92
C GLU B 32 -4.18 -11.12 18.30
N THR B 33 -5.47 -10.83 18.15
CA THR B 33 -6.53 -11.75 18.52
C THR B 33 -6.69 -12.88 17.51
N ASN B 34 -6.41 -12.59 16.24
CA ASN B 34 -6.71 -13.50 15.17
C ASN B 34 -5.49 -13.63 14.23
N PRO B 35 -4.36 -14.15 14.77
CA PRO B 35 -3.12 -14.16 13.97
C PRO B 35 -3.18 -15.01 12.68
N SER B 36 -4.16 -15.90 12.54
CA SER B 36 -4.34 -16.72 11.32
C SER B 36 -5.17 -16.09 10.20
N ASP B 37 -5.87 -15.00 10.53
CA ASP B 37 -6.81 -14.37 9.58
C ASP B 37 -6.05 -13.56 8.54
N GLU B 38 -6.53 -13.61 7.31
CA GLU B 38 -5.98 -12.75 6.27
C GLU B 38 -6.56 -11.31 6.38
N ILE B 39 -5.68 -10.32 6.53
CA ILE B 39 -6.02 -8.89 6.57
C ILE B 39 -5.63 -8.16 5.26
N GLU B 40 -6.62 -7.89 4.39
CA GLU B 40 -6.41 -7.14 3.14
C GLU B 40 -6.90 -5.71 3.26
N ILE B 41 -6.03 -4.78 2.88
CA ILE B 41 -6.30 -3.36 3.01
C ILE B 41 -6.58 -2.77 1.63
N LEU B 42 -7.75 -2.13 1.52
CA LEU B 42 -8.04 -1.22 0.43
C LEU B 42 -7.99 0.25 0.86
N ASP B 43 -6.97 0.97 0.45
CA ASP B 43 -6.82 2.37 0.83
C ASP B 43 -7.30 3.16 -0.40
N VAL B 44 -8.54 3.66 -0.36
CA VAL B 44 -9.18 4.23 -1.55
C VAL B 44 -8.46 5.51 -2.05
N TYR B 45 -7.72 6.18 -1.15
CA TYR B 45 -6.96 7.41 -1.49
C TYR B 45 -5.49 7.17 -1.90
N ALA B 46 -4.93 5.97 -1.68
CA ALA B 46 -3.52 5.72 -2.01
C ALA B 46 -3.29 5.75 -3.55
N PRO B 47 -2.11 6.25 -3.99
CA PRO B 47 -1.69 6.25 -5.41
C PRO B 47 -1.97 4.93 -6.12
N GLU B 48 -1.50 3.84 -5.52
CA GLU B 48 -1.63 2.50 -6.09
C GLU B 48 -3.04 2.01 -6.36
N THR B 49 -4.05 2.65 -5.76
CA THR B 49 -5.38 2.02 -5.78
C THR B 49 -6.12 2.05 -7.16
N ASN B 50 -6.09 3.17 -7.84
CA ASN B 50 -6.67 3.27 -9.21
C ASN B 50 -8.14 2.88 -9.23
N PRO B 52 -11.84 3.28 -10.15
CA PRO B 52 -12.75 3.92 -11.06
C PRO B 52 -13.89 4.62 -10.32
N GLU B 53 -14.44 5.65 -10.94
CA GLU B 53 -15.72 6.14 -10.49
C GLU B 53 -16.60 5.93 -11.68
N ILE B 54 -17.90 5.83 -11.42
CA ILE B 54 -18.82 5.68 -12.49
C ILE B 54 -18.76 6.98 -13.29
N ASP B 55 -18.30 6.84 -14.53
CA ASP B 55 -18.11 7.98 -15.42
C ASP B 55 -18.50 7.63 -16.89
N GLU B 56 -18.27 8.55 -17.83
CA GLU B 56 -18.69 8.31 -19.23
C GLU B 56 -18.03 7.04 -19.81
N GLU B 57 -16.71 6.91 -19.65
CA GLU B 57 -15.95 5.77 -20.15
C GLU B 57 -16.46 4.43 -19.61
N LEU B 58 -16.72 4.40 -18.29
CA LEU B 58 -17.31 3.21 -17.65
C LEU B 58 -18.72 2.91 -18.12
N LEU B 59 -19.60 3.91 -18.11
CA LEU B 59 -20.99 3.71 -18.53
C LEU B 59 -21.08 3.28 -20.01
N SER B 60 -20.24 3.88 -20.85
CA SER B 60 -20.27 3.55 -22.26
C SER B 60 -19.64 2.17 -22.47
N ALA B 61 -18.69 1.76 -21.62
CA ALA B 61 -18.17 0.38 -21.67
C ALA B 61 -19.23 -0.68 -21.38
N TRP B 62 -19.96 -0.54 -20.28
CA TRP B 62 -21.07 -1.43 -19.89
C TRP B 62 -22.16 -1.45 -20.98
N GLY B 63 -22.44 -0.26 -21.55
CA GLY B 63 -23.39 -0.11 -22.64
C GLY B 63 -22.96 -0.95 -23.82
N ALA B 64 -21.70 -0.87 -24.22
CA ALA B 64 -21.21 -1.64 -25.36
C ALA B 64 -21.29 -3.15 -25.09
N LEU B 65 -20.90 -3.55 -23.88
CA LEU B 65 -21.01 -4.95 -23.47
C LEU B 65 -22.44 -5.48 -23.49
N ARG B 66 -23.39 -4.67 -23.01
CA ARG B 66 -24.83 -4.99 -23.10
C ARG B 66 -25.31 -5.09 -24.55
N ALA B 67 -24.65 -4.36 -25.46
CA ALA B 67 -25.07 -4.41 -26.85
C ALA B 67 -24.45 -5.62 -27.59
N GLY B 68 -23.65 -6.41 -26.88
CA GLY B 68 -23.08 -7.66 -27.38
C GLY B 68 -21.62 -7.57 -27.82
N ALA B 69 -21.00 -6.40 -27.68
CA ALA B 69 -19.60 -6.24 -28.09
C ALA B 69 -18.66 -7.03 -27.18
N ALA B 70 -17.60 -7.58 -27.76
CA ALA B 70 -16.62 -8.34 -26.98
C ALA B 70 -15.77 -7.41 -26.12
N PHE B 71 -15.49 -7.85 -24.90
CA PHE B 71 -14.62 -7.12 -23.99
C PHE B 71 -13.38 -6.53 -24.71
N GLU B 72 -12.81 -7.32 -25.63
CA GLU B 72 -11.55 -6.97 -26.30
C GLU B 72 -11.71 -5.86 -27.32
N THR B 73 -12.96 -5.54 -27.69
CA THR B 73 -13.26 -4.42 -28.60
C THR B 73 -13.32 -3.04 -27.90
N LEU B 74 -13.47 -3.03 -26.58
CA LEU B 74 -13.41 -1.78 -25.82
C LEU B 74 -12.01 -1.15 -25.86
N SER B 75 -11.93 0.14 -25.61
CA SER B 75 -10.63 0.82 -25.46
C SER B 75 -9.83 0.21 -24.31
N GLU B 76 -8.50 0.32 -24.39
CA GLU B 76 -7.62 -0.22 -23.35
C GLU B 76 -7.96 0.31 -21.94
N ASN B 77 -8.29 1.60 -21.84
CA ASN B 77 -8.69 2.16 -20.54
C ASN B 77 -10.11 1.77 -20.07
N GLN B 78 -11.06 1.63 -21.00
CA GLN B 78 -12.37 1.04 -20.66
C GLN B 78 -12.19 -0.36 -20.11
N GLN B 79 -11.32 -1.14 -20.73
CA GLN B 79 -11.09 -2.53 -20.34
C GLN B 79 -10.50 -2.52 -18.93
N GLN B 80 -9.50 -1.67 -18.71
CA GLN B 80 -8.94 -1.44 -17.38
C GLN B 80 -9.98 -1.07 -16.32
N LYS B 81 -10.82 -0.08 -16.64
CA LYS B 81 -11.88 0.42 -15.77
C LYS B 81 -12.92 -0.66 -15.41
N VAL B 82 -13.40 -1.40 -16.43
CA VAL B 82 -14.35 -2.48 -16.18
C VAL B 82 -13.72 -3.55 -15.26
N ALA B 83 -12.50 -3.97 -15.59
CA ALA B 83 -11.83 -5.04 -14.88
C ALA B 83 -11.58 -4.64 -13.41
N ARG B 84 -11.14 -3.39 -13.21
CA ARG B 84 -10.86 -2.88 -11.86
C ARG B 84 -12.13 -2.78 -11.02
N PHE B 85 -13.20 -2.23 -11.61
CA PHE B 85 -14.51 -2.17 -10.98
C PHE B 85 -14.94 -3.59 -10.52
N ASN B 86 -14.86 -4.60 -11.41
CA ASN B 86 -15.22 -5.95 -11.04
C ASN B 86 -14.34 -6.56 -9.95
N GLU B 87 -13.05 -6.25 -10.00
CA GLU B 87 -12.08 -6.72 -9.02
C GLU B 87 -12.49 -6.22 -7.62
N LEU B 88 -12.99 -4.98 -7.58
CA LEU B 88 -13.45 -4.38 -6.33
C LEU B 88 -14.65 -5.12 -5.80
N THR B 89 -15.63 -5.41 -6.67
CA THR B 89 -16.81 -6.13 -6.25
C THR B 89 -16.48 -7.55 -5.72
N ASP B 90 -15.55 -8.24 -6.39
CA ASP B 90 -15.14 -9.60 -6.02
C ASP B 90 -14.41 -9.63 -4.70
N GLN B 91 -13.60 -8.61 -4.46
CA GLN B 91 -12.90 -8.40 -3.20
C GLN B 91 -13.88 -8.34 -2.01
N PHE B 92 -14.94 -7.56 -2.17
CA PHE B 92 -15.97 -7.48 -1.15
C PHE B 92 -16.64 -8.86 -0.97
N LEU B 93 -16.89 -9.53 -2.09
CA LEU B 93 -17.61 -10.83 -2.02
C LEU B 93 -16.76 -11.88 -1.30
N SER B 94 -15.44 -11.74 -1.39
CA SER B 94 -14.44 -12.64 -0.83
C SER B 94 -14.13 -12.43 0.66
N ALA B 95 -14.64 -11.33 1.24
CA ALA B 95 -14.31 -10.95 2.62
C ALA B 95 -15.36 -11.55 3.56
N ASP B 96 -14.93 -12.09 4.68
CA ASP B 96 -15.89 -12.53 5.70
C ASP B 96 -16.36 -11.37 6.55
N LYS B 97 -15.46 -10.39 6.68
CA LYS B 97 -15.68 -9.27 7.60
C LYS B 97 -15.14 -8.02 6.92
N VAL B 98 -15.83 -6.91 7.18
CA VAL B 98 -15.44 -5.66 6.57
C VAL B 98 -15.36 -4.56 7.62
N VAL B 99 -14.27 -3.83 7.63
CA VAL B 99 -14.15 -2.61 8.46
C VAL B 99 -13.96 -1.38 7.54
N ILE B 100 -14.76 -0.36 7.76
CA ILE B 100 -14.72 0.86 6.96
C ILE B 100 -14.41 2.00 7.91
N ALA B 101 -13.47 2.85 7.52
CA ALA B 101 -12.99 3.96 8.39
C ALA B 101 -13.02 5.19 7.54
N ASN B 102 -13.72 6.21 8.02
CA ASN B 102 -13.79 7.47 7.27
C ASN B 102 -14.13 8.63 8.21
N PRO B 103 -13.77 9.87 7.83
CA PRO B 103 -14.30 11.02 8.53
C PRO B 103 -15.69 11.41 7.92
N TRP B 105 -17.67 14.20 6.25
CA TRP B 105 -17.45 15.44 5.50
C TRP B 105 -18.79 15.89 4.91
N ASN B 106 -19.27 17.00 5.44
CA ASN B 106 -20.55 17.60 5.05
C ASN B 106 -21.73 16.64 5.15
N LEU B 107 -21.94 16.06 6.32
CA LEU B 107 -23.05 15.11 6.61
C LEU B 107 -23.14 13.87 5.71
N ASN B 108 -22.02 13.46 5.12
CA ASN B 108 -22.04 12.40 4.13
C ASN B 108 -20.67 11.75 4.10
N VAL B 109 -20.49 10.71 3.31
CA VAL B 109 -19.22 10.04 3.15
C VAL B 109 -18.27 10.79 2.20
N PRO B 110 -16.95 10.57 2.37
CA PRO B 110 -15.98 11.09 1.37
C PRO B 110 -16.33 10.57 -0.03
N THR B 111 -16.10 11.41 -1.03
CA THR B 111 -16.35 11.03 -2.41
C THR B 111 -15.84 9.60 -2.80
N ARG B 112 -14.63 9.23 -2.38
CA ARG B 112 -14.11 7.90 -2.77
C ARG B 112 -14.69 6.76 -2.04
N LEU B 113 -15.26 7.03 -0.86
CA LEU B 113 -16.03 6.00 -0.18
C LEU B 113 -17.34 5.76 -0.94
N LYS B 114 -18.07 6.81 -1.33
CA LYS B 114 -19.19 6.64 -2.28
C LYS B 114 -18.74 5.82 -3.55
N ALA B 115 -17.57 6.13 -4.12
CA ALA B 115 -17.06 5.38 -5.25
C ALA B 115 -16.88 3.88 -4.91
N TRP B 116 -16.37 3.58 -3.72
CA TRP B 116 -16.31 2.19 -3.27
C TRP B 116 -17.69 1.53 -3.07
N VAL B 117 -18.63 2.22 -2.45
CA VAL B 117 -20.01 1.69 -2.34
C VAL B 117 -20.60 1.33 -3.73
N ASP B 118 -20.29 2.16 -4.75
CA ASP B 118 -20.70 1.90 -6.11
C ASP B 118 -20.20 0.54 -6.62
N THR B 119 -19.03 0.11 -6.18
CA THR B 119 -18.52 -1.22 -6.63
C THR B 119 -19.13 -2.38 -5.86
N ILE B 120 -19.88 -2.10 -4.78
CA ILE B 120 -20.44 -3.20 -3.98
C ILE B 120 -21.92 -3.39 -4.06
N ASN B 121 -22.59 -2.51 -4.77
CA ASN B 121 -24.02 -2.62 -4.89
C ASN B 121 -24.29 -2.87 -6.38
N VAL B 122 -24.21 -4.17 -6.74
CA VAL B 122 -24.15 -4.64 -8.11
C VAL B 122 -25.18 -5.77 -8.37
N ALA B 123 -26.22 -5.45 -9.15
CA ALA B 123 -27.24 -6.42 -9.62
C ALA B 123 -26.56 -7.62 -10.24
N GLY B 124 -26.83 -8.79 -9.68
CA GLY B 124 -26.22 -10.01 -10.19
C GLY B 124 -25.00 -10.49 -9.43
N LYS B 125 -24.50 -9.66 -8.50
CA LYS B 125 -23.31 -10.01 -7.72
C LYS B 125 -23.57 -9.86 -6.21
N THR B 126 -24.19 -8.74 -5.79
CA THR B 126 -24.49 -8.56 -4.36
C THR B 126 -25.97 -8.43 -3.99
N PHE B 127 -26.81 -8.09 -4.98
CA PHE B 127 -28.27 -8.12 -4.82
C PHE B 127 -28.87 -8.54 -6.16
N GLN B 128 -30.19 -8.74 -6.15
CA GLN B 128 -30.97 -9.12 -7.33
C GLN B 128 -32.36 -8.46 -7.31
N TYR B 129 -32.89 -8.14 -8.49
CA TYR B 129 -34.28 -7.71 -8.56
C TYR B 129 -35.19 -8.94 -8.62
N THR B 130 -36.35 -8.87 -7.94
CA THR B 130 -37.33 -9.98 -7.92
C THR B 130 -38.76 -9.44 -7.92
N ALA B 131 -39.73 -10.36 -7.88
CA ALA B 131 -41.15 -10.01 -7.79
C ALA B 131 -41.52 -9.50 -6.38
N GLU B 132 -40.91 -10.10 -5.36
CA GLU B 132 -41.08 -9.71 -3.96
C GLU B 132 -40.40 -8.37 -3.60
N GLY B 133 -39.35 -8.01 -4.36
CA GLY B 133 -38.56 -6.79 -4.13
C GLY B 133 -37.11 -7.08 -4.45
N PRO B 134 -36.21 -6.08 -4.26
CA PRO B 134 -34.82 -6.47 -4.45
C PRO B 134 -34.42 -7.38 -3.27
N LYS B 135 -33.52 -8.32 -3.49
CA LYS B 135 -33.09 -9.19 -2.38
C LYS B 135 -31.58 -9.36 -2.36
N PRO B 136 -30.97 -9.51 -1.15
CA PRO B 136 -29.52 -9.67 -0.99
C PRO B 136 -28.97 -10.89 -1.71
N LEU B 137 -27.72 -10.86 -2.12
CA LEU B 137 -27.07 -12.05 -2.65
C LEU B 137 -25.92 -12.50 -1.76
N THR B 138 -25.81 -11.88 -0.60
CA THR B 138 -24.67 -12.10 0.29
C THR B 138 -25.25 -12.61 1.61
N SER B 139 -24.56 -13.54 2.25
CA SER B 139 -24.99 -13.97 3.59
C SER B 139 -23.79 -14.18 4.49
N GLY B 140 -23.98 -13.97 5.78
CA GLY B 140 -22.99 -14.31 6.78
C GLY B 140 -21.90 -13.29 7.09
N LYS B 141 -21.78 -12.24 6.27
CA LYS B 141 -20.79 -11.18 6.53
C LYS B 141 -21.09 -10.32 7.77
N LYS B 142 -20.03 -9.73 8.31
CA LYS B 142 -20.10 -8.76 9.41
C LYS B 142 -19.35 -7.49 8.99
N ALA B 143 -19.81 -6.35 9.51
CA ALA B 143 -19.18 -5.04 9.25
C ALA B 143 -19.01 -4.21 10.50
N LEU B 144 -17.92 -3.44 10.50
CA LEU B 144 -17.65 -2.42 11.49
C LEU B 144 -17.41 -1.08 10.78
N HIS B 145 -18.18 -0.07 11.18
CA HIS B 145 -18.04 1.26 10.59
C HIS B 145 -17.40 2.17 11.64
N ILE B 146 -16.16 2.60 11.36
CA ILE B 146 -15.39 3.50 12.24
C ILE B 146 -15.46 4.87 11.60
N GLN B 147 -16.11 5.82 12.27
CA GLN B 147 -16.26 7.15 11.67
C GLN B 147 -16.08 8.25 12.71
N SER B 148 -15.30 9.26 12.35
CA SER B 148 -15.15 10.45 13.21
C SER B 148 -15.98 11.64 12.70
N ASN B 149 -16.70 12.27 13.65
CA ASN B 149 -17.62 13.38 13.35
C ASN B 149 -17.25 14.57 14.22
N GLY B 150 -17.40 15.79 13.68
CA GLY B 150 -17.16 17.03 14.45
C GLY B 150 -18.07 17.08 15.67
N GLY B 151 -19.37 16.91 15.46
CA GLY B 151 -20.32 16.99 16.59
C GLY B 151 -20.88 15.65 17.05
N PHE B 152 -21.91 15.67 17.91
CA PHE B 152 -22.52 14.44 18.43
C PHE B 152 -23.76 14.05 17.62
N TYR B 153 -23.67 12.94 16.94
CA TYR B 153 -24.79 12.48 16.14
C TYR B 153 -25.16 11.21 16.86
N GLU B 154 -26.42 10.95 17.04
CA GLU B 154 -26.74 9.77 17.85
C GLU B 154 -26.79 8.54 16.92
N GLY B 155 -25.67 8.30 16.23
CA GLY B 155 -25.62 7.33 15.14
C GLY B 155 -26.65 7.70 14.08
N LYS B 156 -27.15 8.93 14.19
CA LYS B 156 -28.27 9.42 13.45
C LYS B 156 -27.86 10.23 12.22
N ASP B 157 -26.55 10.33 11.96
CA ASP B 157 -26.08 11.10 10.80
C ASP B 157 -26.35 10.36 9.48
N PHE B 158 -26.43 11.13 8.39
CA PHE B 158 -26.63 10.59 7.05
C PHE B 158 -25.54 9.56 6.69
N ALA B 159 -24.26 9.90 6.94
CA ALA B 159 -23.12 9.03 6.46
C ALA B 159 -23.20 7.62 7.00
N SER B 160 -23.43 7.53 8.29
CA SER B 160 -23.40 6.19 8.89
C SER B 160 -24.73 5.47 8.59
N GLN B 161 -25.83 6.22 8.49
CA GLN B 161 -27.11 5.64 8.04
C GLN B 161 -27.04 5.11 6.65
N TYR B 162 -26.37 5.86 5.77
CA TYR B 162 -26.15 5.42 4.39
C TYR B 162 -25.35 4.13 4.31
N ILE B 163 -24.22 4.09 5.01
CA ILE B 163 -23.33 2.96 5.04
C ILE B 163 -24.08 1.72 5.56
N LYS B 164 -24.76 1.86 6.68
CA LYS B 164 -25.65 0.81 7.21
C LYS B 164 -26.74 0.37 6.22
N ALA B 165 -27.45 1.34 5.59
CA ALA B 165 -28.41 1.06 4.49
C ALA B 165 -27.88 0.19 3.38
N ILE B 166 -26.75 0.57 2.79
CA ILE B 166 -26.16 -0.23 1.73
C ILE B 166 -25.79 -1.65 2.20
N LEU B 167 -24.99 -1.74 3.27
CA LEU B 167 -24.59 -3.03 3.82
C LEU B 167 -25.77 -3.99 4.07
N ASN B 168 -26.80 -3.50 4.77
CA ASN B 168 -28.02 -4.29 5.06
C ASN B 168 -28.68 -4.75 3.75
N PHE B 169 -28.74 -3.84 2.78
CA PHE B 169 -29.43 -4.09 1.47
C PHE B 169 -28.81 -5.28 0.77
N ILE B 170 -27.49 -5.38 0.85
CA ILE B 170 -26.77 -6.48 0.19
C ILE B 170 -26.57 -7.74 1.09
N GLY B 171 -27.17 -7.78 2.29
CA GLY B 171 -27.12 -9.01 3.10
C GLY B 171 -26.25 -8.99 4.35
N VAL B 172 -25.66 -7.84 4.68
CA VAL B 172 -24.78 -7.73 5.83
C VAL B 172 -25.66 -7.25 6.96
N ASP B 173 -26.16 -8.18 7.77
CA ASP B 173 -27.15 -7.83 8.78
C ASP B 173 -26.52 -7.35 10.08
N GLN B 174 -25.25 -7.70 10.32
CA GLN B 174 -24.54 -7.23 11.50
C GLN B 174 -23.67 -6.06 11.07
N VAL B 175 -24.04 -4.84 11.52
CA VAL B 175 -23.25 -3.59 11.24
C VAL B 175 -22.96 -2.87 12.58
N ASP B 176 -21.74 -3.00 13.09
CA ASP B 176 -21.31 -2.35 14.31
C ASP B 176 -20.74 -0.98 14.01
N GLY B 177 -20.76 -0.09 15.00
CA GLY B 177 -20.33 1.28 14.83
C GLY B 177 -19.32 1.70 15.89
N LEU B 178 -18.41 2.54 15.49
CA LEU B 178 -17.52 3.18 16.44
C LEU B 178 -17.37 4.60 16.00
N PHE B 179 -17.92 5.51 16.80
CA PHE B 179 -18.00 6.90 16.40
C PHE B 179 -17.19 7.74 17.36
N ILE B 180 -16.20 8.43 16.78
CA ILE B 180 -15.28 9.31 17.50
C ILE B 180 -15.80 10.74 17.24
N GLU B 181 -16.58 11.25 18.17
CA GLU B 181 -17.35 12.48 17.98
C GLU B 181 -17.05 13.58 19.01
N GLY B 182 -17.32 14.81 18.61
CA GLY B 182 -17.47 15.91 19.57
C GLY B 182 -16.20 16.62 19.91
N ILE B 183 -15.07 16.15 19.39
CA ILE B 183 -13.78 16.77 19.76
C ILE B 183 -13.63 18.20 19.20
N ASP B 184 -14.11 18.40 17.98
CA ASP B 184 -14.20 19.76 17.43
C ASP B 184 -15.04 20.71 18.30
N HIS B 185 -16.13 20.22 18.89
CA HIS B 185 -16.89 21.04 19.84
C HIS B 185 -16.24 21.25 21.21
N PHE B 186 -15.53 20.22 21.67
CA PHE B 186 -14.97 20.25 23.01
C PHE B 186 -13.51 19.88 23.02
N PRO B 187 -12.63 20.79 22.50
CA PRO B 187 -11.22 20.38 22.36
C PRO B 187 -10.57 20.04 23.67
N ASP B 188 -11.08 20.60 24.77
CA ASP B 188 -10.51 20.36 26.10
C ASP B 188 -10.77 18.94 26.55
N ARG B 189 -11.79 18.32 25.96
CA ARG B 189 -12.12 16.91 26.22
C ARG B 189 -11.38 15.94 25.27
N ALA B 190 -10.52 16.49 24.41
CA ALA B 190 -9.78 15.66 23.41
C ALA B 190 -9.17 14.38 24.01
N GLU B 191 -8.41 14.52 25.09
CA GLU B 191 -7.70 13.39 25.74
C GLU B 191 -8.63 12.23 26.19
N GLU B 192 -9.65 12.58 26.96
CA GLU B 192 -10.69 11.66 27.37
C GLU B 192 -11.44 11.03 26.19
N LEU B 193 -11.88 11.84 25.22
CA LEU B 193 -12.74 11.31 24.15
C LEU B 193 -11.95 10.37 23.26
N LEU B 194 -10.69 10.73 23.00
CA LEU B 194 -9.80 9.86 22.24
C LEU B 194 -9.45 8.55 23.00
N ASN B 195 -9.23 8.64 24.31
CA ASN B 195 -8.94 7.45 25.08
C ASN B 195 -10.14 6.52 25.05
N THR B 196 -11.34 7.05 25.29
CA THR B 196 -12.56 6.22 25.20
C THR B 196 -12.64 5.48 23.84
N ALA B 197 -12.52 6.25 22.74
CA ALA B 197 -12.53 5.67 21.39
C ALA B 197 -11.44 4.55 21.28
N THR B 199 -10.04 2.64 23.55
CA THR B 199 -10.45 1.43 24.31
C THR B 199 -11.53 0.64 23.54
N LYS B 200 -12.45 1.36 22.90
CA LYS B 200 -13.53 0.67 22.14
C LYS B 200 -12.97 0.00 20.90
N ALA B 201 -12.06 0.71 20.22
CA ALA B 201 -11.32 0.15 19.06
C ALA B 201 -10.52 -1.11 19.45
N THR B 202 -9.75 -1.07 20.53
CA THR B 202 -9.09 -2.31 20.99
C THR B 202 -10.08 -3.42 21.35
N GLU B 203 -11.20 -3.06 21.98
CA GLU B 203 -12.21 -4.09 22.33
C GLU B 203 -12.90 -4.72 21.14
N TYR B 204 -13.18 -3.92 20.14
CA TYR B 204 -13.65 -4.46 18.86
C TYR B 204 -12.63 -5.43 18.27
N GLY B 205 -11.33 -5.10 18.33
CA GLY B 205 -10.28 -6.01 17.81
C GLY B 205 -10.34 -7.39 18.45
N LYS B 206 -10.63 -7.37 19.75
CA LYS B 206 -10.77 -8.57 20.57
C LYS B 206 -12.05 -9.40 20.36
N THR B 207 -13.13 -8.78 19.87
CA THR B 207 -14.43 -9.43 19.85
C THR B 207 -15.05 -9.57 18.46
N PHE B 208 -14.61 -8.72 17.52
CA PHE B 208 -15.19 -8.69 16.16
C PHE B 208 -14.78 -9.90 15.36
N SER C 2 1.44 1.49 -18.80
CA SER C 2 2.60 0.74 -18.25
C SER C 2 2.21 0.18 -16.90
N LYS C 3 2.86 -0.91 -16.52
CA LYS C 3 2.68 -1.41 -15.18
C LYS C 3 3.91 -1.07 -14.34
N LEU C 4 3.64 -0.38 -13.22
CA LEU C 4 4.68 -0.15 -12.21
C LEU C 4 4.63 -1.14 -11.02
N LEU C 5 5.69 -1.92 -10.88
CA LEU C 5 5.83 -2.84 -9.72
C LEU C 5 6.61 -2.07 -8.60
N VAL C 6 6.12 -2.15 -7.38
CA VAL C 6 6.75 -1.49 -6.24
C VAL C 6 7.17 -2.57 -5.25
N VAL C 7 8.45 -2.65 -4.99
CA VAL C 7 9.03 -3.59 -4.03
C VAL C 7 9.31 -2.77 -2.74
N LYS C 8 8.39 -2.79 -1.82
CA LYS C 8 8.59 -2.08 -0.53
C LYS C 8 9.33 -3.06 0.42
N ALA C 9 10.63 -2.86 0.57
CA ALA C 9 11.47 -3.73 1.47
C ALA C 9 11.91 -2.94 2.73
N HIS C 10 10.92 -2.50 3.47
CA HIS C 10 11.11 -1.83 4.74
C HIS C 10 9.92 -2.29 5.60
N PRO C 11 10.18 -2.86 6.80
CA PRO C 11 9.06 -3.26 7.69
C PRO C 11 8.20 -2.08 8.23
N LEU C 12 8.67 -0.86 8.13
CA LEU C 12 7.98 0.27 8.80
C LEU C 12 7.22 1.14 7.78
N THR C 13 6.67 2.25 8.25
CA THR C 13 5.78 3.12 7.45
C THR C 13 6.54 4.42 7.15
N LYS C 14 5.93 5.32 6.38
CA LYS C 14 6.53 6.59 6.03
C LYS C 14 6.77 7.52 7.25
N GLU C 15 6.05 7.29 8.35
CA GLU C 15 6.24 8.05 9.59
C GLU C 15 7.58 7.73 10.24
N GLU C 16 8.04 6.48 10.06
CA GLU C 16 9.28 6.02 10.67
C GLU C 16 10.46 5.93 9.71
N SER C 17 10.18 5.84 8.41
CA SER C 17 11.22 5.51 7.44
C SER C 17 11.40 6.62 6.43
N ARG C 18 12.64 7.07 6.26
CA ARG C 18 13.01 7.98 5.20
C ARG C 18 12.82 7.38 3.79
N SER C 19 13.26 6.13 3.62
CA SER C 19 13.08 5.53 2.29
C SER C 19 11.62 5.28 1.95
N VAL C 20 10.79 4.87 2.92
CA VAL C 20 9.29 4.73 2.67
C VAL C 20 8.61 6.07 2.34
N ARG C 21 9.05 7.13 2.99
CA ARG C 21 8.46 8.46 2.75
C ARG C 21 8.80 8.93 1.37
N ALA C 22 10.05 8.78 0.96
CA ALA C 22 10.47 9.13 -0.40
C ALA C 22 9.71 8.30 -1.45
N LEU C 23 9.60 7.00 -1.20
CA LEU C 23 8.82 6.14 -2.06
C LEU C 23 7.37 6.70 -2.25
N GLU C 24 6.71 7.04 -1.14
CA GLU C 24 5.34 7.54 -1.25
C GLU C 24 5.25 8.87 -1.99
N THR C 25 6.24 9.74 -1.81
CA THR C 25 6.29 11.01 -2.58
C THR C 25 6.45 10.74 -4.07
N PHE C 26 7.36 9.84 -4.41
CA PHE C 26 7.55 9.36 -5.77
C PHE C 26 6.23 8.79 -6.38
N LEU C 27 5.54 7.92 -5.63
CA LEU C 27 4.28 7.30 -6.09
C LEU C 27 3.14 8.34 -6.33
N ALA C 28 2.99 9.32 -5.42
CA ALA C 28 1.95 10.34 -5.60
C ALA C 28 2.22 11.12 -6.89
N SER C 29 3.51 11.44 -7.14
CA SER C 29 3.91 12.15 -8.32
C SER C 29 3.74 11.28 -9.60
N TYR C 30 4.13 10.00 -9.50
CA TYR C 30 4.00 9.02 -10.58
C TYR C 30 2.53 8.85 -11.01
N ARG C 31 1.64 8.66 -10.03
CA ARG C 31 0.17 8.62 -10.27
C ARG C 31 -0.40 9.88 -11.00
N GLU C 32 -0.09 11.06 -10.45
CA GLU C 32 -0.45 12.33 -11.04
C GLU C 32 0.00 12.42 -12.51
N THR C 33 1.22 11.97 -12.80
CA THR C 33 1.75 11.99 -14.16
C THR C 33 1.12 10.91 -15.04
N ASN C 34 0.84 9.76 -14.44
CA ASN C 34 0.40 8.59 -15.20
C ASN C 34 -0.93 8.06 -14.66
N PRO C 35 -2.03 8.83 -14.84
CA PRO C 35 -3.29 8.45 -14.17
C PRO C 35 -3.86 7.08 -14.53
N SER C 36 -3.49 6.48 -15.63
CA SER C 36 -4.06 5.17 -15.85
C SER C 36 -3.10 3.98 -15.82
N ASP C 37 -1.84 4.21 -15.43
CA ASP C 37 -0.88 3.13 -15.23
C ASP C 37 -1.32 2.24 -14.07
N GLU C 38 -0.99 0.97 -14.16
CA GLU C 38 -1.19 0.05 -13.06
C GLU C 38 0.01 0.17 -12.09
N ILE C 39 -0.28 0.31 -10.79
CA ILE C 39 0.78 0.39 -9.78
C ILE C 39 0.49 -0.76 -8.81
N GLU C 40 1.41 -1.68 -8.71
CA GLU C 40 1.21 -2.87 -7.89
C GLU C 40 2.21 -2.93 -6.74
N ILE C 41 1.71 -3.01 -5.52
CA ILE C 41 2.62 -3.02 -4.37
C ILE C 41 2.99 -4.44 -3.99
N LEU C 42 4.29 -4.70 -3.86
CA LEU C 42 4.74 -5.91 -3.15
C LEU C 42 5.46 -5.50 -1.84
N ASP C 43 4.81 -5.75 -0.72
CA ASP C 43 5.39 -5.40 0.57
C ASP C 43 5.99 -6.67 1.15
N VAL C 44 7.31 -6.80 0.99
CA VAL C 44 7.96 -8.08 1.29
C VAL C 44 7.96 -8.41 2.79
N TYR C 45 7.62 -7.44 3.64
CA TYR C 45 7.55 -7.64 5.09
C TYR C 45 6.13 -7.89 5.60
N ALA C 46 5.08 -7.74 4.77
CA ALA C 46 3.70 -8.00 5.23
C ALA C 46 3.46 -9.51 5.39
N PRO C 47 2.78 -9.92 6.48
CA PRO C 47 2.48 -11.35 6.64
C PRO C 47 1.61 -11.89 5.52
N GLU C 48 0.70 -11.09 4.97
CA GLU C 48 -0.09 -11.55 3.82
C GLU C 48 0.71 -11.92 2.59
N THR C 49 1.91 -11.36 2.46
CA THR C 49 2.68 -11.55 1.25
C THR C 49 3.13 -12.99 1.16
N ASN C 50 3.18 -13.69 2.29
CA ASN C 50 3.73 -15.04 2.30
C ASN C 50 5.04 -15.14 1.53
N PRO C 52 8.26 -15.95 0.07
CA PRO C 52 9.03 -17.18 0.13
C PRO C 52 10.52 -16.89 0.38
N GLU C 53 11.19 -17.91 0.91
CA GLU C 53 12.60 -17.89 1.16
C GLU C 53 13.13 -19.27 0.74
N ILE C 54 14.26 -19.28 0.06
CA ILE C 54 14.90 -20.53 -0.36
C ILE C 54 15.33 -21.30 0.88
N ASP C 55 14.70 -22.46 1.09
CA ASP C 55 14.83 -23.26 2.30
C ASP C 55 14.77 -24.74 1.90
N GLU C 56 14.75 -25.62 2.90
CA GLU C 56 14.83 -27.05 2.63
C GLU C 56 13.62 -27.49 1.83
N GLU C 57 12.42 -27.07 2.25
CA GLU C 57 11.17 -27.43 1.55
C GLU C 57 11.14 -27.03 0.06
N LEU C 58 11.63 -25.81 -0.23
CA LEU C 58 11.66 -25.31 -1.62
C LEU C 58 12.71 -26.02 -2.46
N LEU C 59 13.94 -26.06 -1.95
CA LEU C 59 15.02 -26.81 -2.60
C LEU C 59 14.66 -28.28 -2.85
N SER C 60 14.03 -28.93 -1.86
CA SER C 60 13.65 -30.34 -2.04
C SER C 60 12.49 -30.47 -3.08
N ALA C 61 11.57 -29.50 -3.11
CA ALA C 61 10.49 -29.47 -4.11
C ALA C 61 11.06 -29.40 -5.53
N TRP C 62 12.02 -28.51 -5.72
CA TRP C 62 12.63 -28.35 -7.01
C TRP C 62 13.36 -29.63 -7.42
N GLY C 63 14.06 -30.29 -6.48
CA GLY C 63 14.71 -31.59 -6.76
C GLY C 63 13.70 -32.65 -7.15
N ALA C 64 12.59 -32.71 -6.42
CA ALA C 64 11.49 -33.63 -6.72
C ALA C 64 10.86 -33.38 -8.10
N LEU C 65 10.80 -32.13 -8.52
CA LEU C 65 10.31 -31.76 -9.87
C LEU C 65 11.36 -32.06 -10.94
N ARG C 66 12.65 -31.83 -10.66
CA ARG C 66 13.70 -32.21 -11.61
C ARG C 66 13.84 -33.73 -11.81
N ALA C 67 13.54 -34.49 -10.75
CA ALA C 67 13.65 -35.95 -10.78
C ALA C 67 12.47 -36.52 -11.55
N GLY C 68 11.61 -35.62 -12.02
CA GLY C 68 10.45 -35.97 -12.79
C GLY C 68 9.20 -36.21 -12.00
N ALA C 69 9.16 -35.81 -10.73
CA ALA C 69 7.92 -35.94 -9.96
C ALA C 69 6.81 -34.97 -10.37
N ALA C 70 5.57 -35.37 -10.08
CA ALA C 70 4.39 -34.58 -10.41
C ALA C 70 4.18 -33.51 -9.34
N PHE C 71 3.83 -32.30 -9.75
CA PHE C 71 3.57 -31.21 -8.81
C PHE C 71 2.62 -31.62 -7.68
N GLU C 72 1.62 -32.43 -8.01
CA GLU C 72 0.54 -32.79 -7.05
C GLU C 72 0.97 -33.76 -5.95
N THR C 73 2.11 -34.38 -6.16
CA THR C 73 2.70 -35.30 -5.19
C THR C 73 3.63 -34.58 -4.18
N LEU C 74 3.85 -33.28 -4.38
CA LEU C 74 4.60 -32.49 -3.41
C LEU C 74 3.73 -32.24 -2.18
N SER C 75 4.35 -32.02 -1.03
CA SER C 75 3.56 -31.69 0.16
C SER C 75 2.78 -30.38 -0.09
N GLU C 76 1.74 -30.14 0.67
CA GLU C 76 0.98 -28.89 0.51
C GLU C 76 1.85 -27.67 0.78
N ASN C 77 2.80 -27.78 1.71
CA ASN C 77 3.77 -26.69 2.01
C ASN C 77 4.66 -26.38 0.81
N GLN C 78 5.13 -27.46 0.18
CA GLN C 78 6.04 -27.38 -0.93
C GLN C 78 5.34 -26.81 -2.15
N GLN C 79 4.07 -27.20 -2.33
CA GLN C 79 3.26 -26.75 -3.48
C GLN C 79 2.96 -25.24 -3.39
N GLN C 80 2.54 -24.82 -2.20
CA GLN C 80 2.31 -23.41 -1.90
C GLN C 80 3.57 -22.58 -2.09
N LYS C 81 4.73 -23.13 -1.70
CA LYS C 81 6.00 -22.42 -1.82
C LYS C 81 6.48 -22.25 -3.25
N VAL C 82 6.56 -23.33 -3.99
CA VAL C 82 6.90 -23.27 -5.43
C VAL C 82 5.98 -22.33 -6.22
N ALA C 83 4.67 -22.39 -5.96
CA ALA C 83 3.70 -21.55 -6.66
C ALA C 83 3.86 -20.09 -6.28
N ARG C 84 4.03 -19.79 -4.98
CA ARG C 84 4.37 -18.43 -4.51
C ARG C 84 5.68 -17.85 -5.13
N PHE C 85 6.76 -18.61 -5.07
CA PHE C 85 8.00 -18.21 -5.69
C PHE C 85 7.77 -17.84 -7.20
N ASN C 86 7.11 -18.73 -7.94
CA ASN C 86 6.89 -18.52 -9.37
C ASN C 86 5.98 -17.32 -9.58
N GLU C 87 4.99 -17.10 -8.72
CA GLU C 87 4.20 -15.88 -8.78
C GLU C 87 5.06 -14.60 -8.75
N LEU C 88 6.10 -14.61 -7.91
CA LEU C 88 6.95 -13.44 -7.78
C LEU C 88 7.78 -13.21 -9.02
N THR C 89 8.30 -14.29 -9.57
CA THR C 89 9.03 -14.20 -10.84
C THR C 89 8.18 -13.60 -11.98
N ASP C 90 6.99 -14.17 -12.20
CA ASP C 90 6.01 -13.72 -13.22
C ASP C 90 5.56 -12.26 -12.97
N GLN C 91 5.36 -11.90 -11.69
CA GLN C 91 5.04 -10.52 -11.33
C GLN C 91 6.09 -9.52 -11.83
N PHE C 92 7.33 -9.84 -11.57
CA PHE C 92 8.44 -9.06 -12.10
C PHE C 92 8.47 -9.07 -13.64
N LEU C 93 8.22 -10.24 -14.23
CA LEU C 93 8.21 -10.32 -15.70
C LEU C 93 7.08 -9.44 -16.31
N SER C 94 5.96 -9.35 -15.60
CA SER C 94 4.83 -8.51 -16.01
C SER C 94 5.03 -6.97 -15.92
N ALA C 95 6.03 -6.54 -15.15
CA ALA C 95 6.20 -5.12 -14.85
C ALA C 95 7.01 -4.48 -15.96
N ASP C 96 6.58 -3.31 -16.40
CA ASP C 96 7.38 -2.46 -17.32
C ASP C 96 8.45 -1.68 -16.57
N LYS C 97 8.13 -1.39 -15.32
CA LYS C 97 8.95 -0.50 -14.49
C LYS C 97 8.90 -1.03 -13.05
N VAL C 98 10.04 -0.92 -12.35
CA VAL C 98 10.16 -1.36 -10.96
C VAL C 98 10.80 -0.28 -10.11
N VAL C 99 10.24 -0.01 -8.97
CA VAL C 99 10.86 0.85 -7.97
C VAL C 99 11.04 -0.03 -6.73
N ILE C 100 12.25 0.00 -6.22
CA ILE C 100 12.63 -0.74 -5.01
C ILE C 100 12.97 0.25 -3.92
N ALA C 101 12.38 0.08 -2.73
CA ALA C 101 12.66 1.01 -1.63
C ALA C 101 13.16 0.21 -0.43
N ASN C 102 14.30 0.63 0.14
CA ASN C 102 14.85 -0.07 1.33
C ASN C 102 15.84 0.78 2.08
N PRO C 103 16.04 0.46 3.39
CA PRO C 103 17.18 1.01 4.11
C PRO C 103 18.46 0.18 3.89
N TRP C 105 21.21 -1.76 5.68
CA TRP C 105 21.42 -2.40 6.98
C TRP C 105 22.66 -3.27 6.90
N ASN C 106 23.71 -2.86 7.62
CA ASN C 106 24.98 -3.61 7.63
C ASN C 106 25.56 -3.78 6.21
N LEU C 107 25.65 -2.64 5.51
CA LEU C 107 26.25 -2.57 4.17
C LEU C 107 25.67 -3.53 3.14
N ASN C 108 24.40 -3.89 3.23
CA ASN C 108 23.83 -4.87 2.33
C ASN C 108 22.31 -4.63 2.32
N VAL C 109 21.59 -5.38 1.50
CA VAL C 109 20.14 -5.28 1.44
C VAL C 109 19.52 -6.00 2.64
N PRO C 110 18.32 -5.55 3.08
CA PRO C 110 17.60 -6.31 4.09
C PRO C 110 17.39 -7.75 3.61
N THR C 111 17.28 -8.67 4.57
CA THR C 111 16.99 -10.09 4.31
C THR C 111 15.85 -10.32 3.33
N ARG C 112 14.74 -9.62 3.48
CA ARG C 112 13.58 -9.89 2.60
C ARG C 112 13.77 -9.31 1.19
N LEU C 113 14.65 -8.32 1.07
CA LEU C 113 14.96 -7.81 -0.26
C LEU C 113 15.81 -8.83 -1.02
N LYS C 114 16.79 -9.42 -0.33
CA LYS C 114 17.55 -10.52 -0.94
C LYS C 114 16.60 -11.70 -1.31
N ALA C 115 15.62 -12.00 -0.45
CA ALA C 115 14.62 -13.03 -0.78
C ALA C 115 13.92 -12.65 -2.11
N TRP C 116 13.51 -11.40 -2.27
CA TRP C 116 12.88 -10.95 -3.55
C TRP C 116 13.84 -11.13 -4.73
N VAL C 117 15.09 -10.69 -4.58
CA VAL C 117 16.13 -10.88 -5.63
C VAL C 117 16.23 -12.35 -6.05
N ASP C 118 16.15 -13.26 -5.07
CA ASP C 118 16.16 -14.71 -5.35
C ASP C 118 15.03 -15.18 -6.30
N THR C 119 13.87 -14.52 -6.22
CA THR C 119 12.71 -14.81 -7.10
C THR C 119 12.82 -14.25 -8.54
N ILE C 120 13.68 -13.26 -8.74
CA ILE C 120 13.86 -12.64 -10.03
C ILE C 120 15.12 -13.02 -10.80
N ASN C 121 15.98 -13.85 -10.21
CA ASN C 121 17.20 -14.33 -10.89
C ASN C 121 17.05 -15.83 -11.10
N VAL C 122 16.33 -16.18 -12.17
CA VAL C 122 15.80 -17.52 -12.37
C VAL C 122 16.12 -17.97 -13.81
N ALA C 123 16.90 -19.04 -13.91
CA ALA C 123 17.34 -19.57 -15.22
C ALA C 123 16.14 -20.08 -16.00
N GLY C 124 16.02 -19.56 -17.21
CA GLY C 124 14.92 -19.90 -18.07
C GLY C 124 13.80 -18.89 -18.02
N LYS C 125 13.84 -17.95 -17.07
CA LYS C 125 12.78 -16.94 -17.00
C LYS C 125 13.29 -15.51 -17.15
N THR C 126 14.38 -15.17 -16.45
CA THR C 126 14.93 -13.81 -16.52
C THR C 126 16.35 -13.81 -17.05
N PHE C 127 16.94 -15.02 -17.14
CA PHE C 127 18.24 -15.21 -17.78
C PHE C 127 18.44 -16.66 -18.26
N GLN C 128 19.42 -16.80 -19.17
CA GLN C 128 19.87 -18.12 -19.68
C GLN C 128 21.37 -18.33 -19.62
N TYR C 129 21.76 -19.56 -19.28
CA TYR C 129 23.14 -20.00 -19.47
C TYR C 129 23.33 -20.27 -20.99
N THR C 130 24.38 -19.68 -21.59
CA THR C 130 24.78 -20.00 -22.97
C THR C 130 26.25 -20.41 -23.03
N ALA C 131 26.70 -20.79 -24.24
CA ALA C 131 28.11 -21.09 -24.50
C ALA C 131 28.98 -19.82 -24.51
N GLU C 132 28.35 -18.65 -24.39
CA GLU C 132 29.08 -17.39 -24.29
C GLU C 132 29.05 -16.87 -22.84
N GLY C 133 28.53 -17.69 -21.94
CA GLY C 133 28.14 -17.19 -20.60
C GLY C 133 26.68 -16.73 -20.54
N PRO C 134 26.23 -16.26 -19.35
CA PRO C 134 24.81 -15.91 -19.20
C PRO C 134 24.33 -14.77 -20.10
N LYS C 135 23.10 -14.89 -20.59
CA LYS C 135 22.39 -13.81 -21.26
C LYS C 135 21.03 -13.48 -20.63
N PRO C 136 20.70 -12.16 -20.53
CA PRO C 136 19.39 -11.64 -20.05
C PRO C 136 18.25 -12.16 -20.89
N LEU C 137 17.08 -12.33 -20.28
CA LEU C 137 15.88 -12.78 -20.99
C LEU C 137 14.79 -11.70 -20.96
N THR C 138 15.06 -10.59 -20.27
CA THR C 138 14.15 -9.43 -20.35
C THR C 138 14.85 -8.31 -21.08
N SER C 139 14.05 -7.38 -21.63
CA SER C 139 14.56 -6.13 -22.21
C SER C 139 13.53 -4.99 -22.07
N GLY C 140 13.99 -3.75 -22.13
CA GLY C 140 13.05 -2.60 -22.14
C GLY C 140 12.53 -2.12 -20.79
N LYS C 141 12.76 -2.88 -19.70
CA LYS C 141 12.33 -2.46 -18.35
C LYS C 141 13.24 -1.38 -17.76
N LYS C 142 12.67 -0.55 -16.89
CA LYS C 142 13.38 0.51 -16.17
C LYS C 142 13.28 0.26 -14.65
N ALA C 143 14.31 0.63 -13.90
CA ALA C 143 14.27 0.46 -12.44
C ALA C 143 14.73 1.74 -11.76
N LEU C 144 14.12 2.03 -10.63
CA LEU C 144 14.54 3.09 -9.71
C LEU C 144 14.78 2.46 -8.32
N HIS C 145 15.96 2.72 -7.77
CA HIS C 145 16.32 2.18 -6.47
C HIS C 145 16.31 3.35 -5.47
N ILE C 146 15.32 3.34 -4.60
CA ILE C 146 15.28 4.30 -3.55
C ILE C 146 15.86 3.70 -2.26
N GLN C 147 16.95 4.27 -1.77
CA GLN C 147 17.60 3.72 -0.56
C GLN C 147 18.09 4.79 0.37
N SER C 148 17.83 4.60 1.67
CA SER C 148 18.41 5.54 2.65
C SER C 148 19.60 4.89 3.41
N ASN C 149 20.66 5.68 3.64
CA ASN C 149 21.90 5.17 4.24
C ASN C 149 22.24 6.12 5.41
N GLY C 150 22.79 5.61 6.50
CA GLY C 150 23.23 6.47 7.62
C GLY C 150 24.32 7.45 7.18
N GLY C 151 25.36 6.91 6.51
CA GLY C 151 26.45 7.69 5.92
C GLY C 151 26.33 8.08 4.46
N PHE C 152 27.30 8.87 3.99
CA PHE C 152 27.44 9.23 2.57
C PHE C 152 28.33 8.22 1.87
N TYR C 153 27.73 7.47 0.95
CA TYR C 153 28.45 6.52 0.16
C TYR C 153 28.51 7.12 -1.22
N GLU C 154 29.39 6.68 -2.09
CA GLU C 154 29.43 7.47 -3.32
C GLU C 154 28.66 6.78 -4.44
N GLY C 155 27.49 6.23 -4.09
CA GLY C 155 26.82 5.24 -4.93
C GLY C 155 27.62 3.94 -4.92
N LYS C 156 28.65 3.88 -4.08
CA LYS C 156 29.60 2.77 -4.11
C LYS C 156 29.38 1.73 -3.02
N ASP C 157 28.31 1.89 -2.26
CA ASP C 157 27.99 0.97 -1.17
C ASP C 157 27.63 -0.40 -1.77
N PHE C 158 27.87 -1.46 -1.02
CA PHE C 158 27.56 -2.84 -1.42
C PHE C 158 26.07 -2.98 -1.82
N ALA C 159 25.11 -2.43 -1.04
CA ALA C 159 23.69 -2.70 -1.29
C ALA C 159 23.18 -2.23 -2.70
N SER C 160 23.44 -0.97 -3.05
CA SER C 160 23.02 -0.44 -4.34
C SER C 160 23.77 -1.04 -5.54
N GLN C 161 25.06 -1.31 -5.36
CA GLN C 161 25.87 -2.01 -6.36
C GLN C 161 25.30 -3.40 -6.66
N TYR C 162 24.95 -4.14 -5.59
CA TYR C 162 24.28 -5.43 -5.71
C TYR C 162 22.95 -5.35 -6.51
N ILE C 163 22.07 -4.44 -6.09
CA ILE C 163 20.78 -4.31 -6.75
C ILE C 163 21.04 -3.95 -8.22
N LYS C 164 21.95 -3.03 -8.47
CA LYS C 164 22.24 -2.67 -9.87
C LYS C 164 22.88 -3.83 -10.65
N ALA C 165 23.77 -4.60 -10.01
CA ALA C 165 24.39 -5.78 -10.63
C ALA C 165 23.35 -6.80 -11.06
N ILE C 166 22.40 -7.12 -10.17
CA ILE C 166 21.39 -8.12 -10.43
C ILE C 166 20.47 -7.67 -11.57
N LEU C 167 20.04 -6.40 -11.50
CA LEU C 167 19.13 -5.86 -12.48
C LEU C 167 19.77 -5.81 -13.87
N ASN C 168 20.98 -5.29 -13.97
CA ASN C 168 21.73 -5.30 -15.24
C ASN C 168 21.84 -6.74 -15.79
N PHE C 169 22.15 -7.70 -14.91
CA PHE C 169 22.36 -9.10 -15.32
C PHE C 169 21.14 -9.67 -16.02
N ILE C 170 19.99 -9.31 -15.51
CA ILE C 170 18.77 -9.84 -16.10
C ILE C 170 18.23 -8.91 -17.21
N GLY C 171 19.00 -7.89 -17.62
CA GLY C 171 18.60 -7.06 -18.77
C GLY C 171 17.86 -5.75 -18.52
N VAL C 172 17.79 -5.34 -17.26
CA VAL C 172 17.32 -3.98 -16.94
C VAL C 172 18.53 -3.06 -17.04
N ASP C 173 18.70 -2.38 -18.17
CA ASP C 173 19.90 -1.58 -18.36
C ASP C 173 19.71 -0.15 -17.83
N GLN C 174 18.48 0.27 -17.59
CA GLN C 174 18.30 1.63 -17.04
C GLN C 174 18.02 1.45 -15.55
N VAL C 175 18.98 1.85 -14.70
CA VAL C 175 18.84 1.76 -13.23
C VAL C 175 19.15 3.12 -12.60
N ASP C 176 18.10 3.85 -12.18
CA ASP C 176 18.21 5.14 -11.54
C ASP C 176 18.33 4.96 -10.02
N GLY C 177 18.98 5.89 -9.34
CA GLY C 177 19.13 5.80 -7.87
C GLY C 177 18.65 7.08 -7.22
N LEU C 178 18.03 6.95 -6.06
CA LEU C 178 17.70 8.10 -5.21
C LEU C 178 18.13 7.67 -3.81
N PHE C 179 19.24 8.23 -3.36
CA PHE C 179 19.84 7.86 -2.10
C PHE C 179 19.66 8.96 -1.07
N ILE C 180 19.10 8.57 0.07
CA ILE C 180 18.79 9.48 1.17
C ILE C 180 19.83 9.23 2.24
N GLU C 181 20.86 10.06 2.20
CA GLU C 181 22.06 9.79 2.95
C GLU C 181 22.46 10.85 3.95
N GLY C 182 23.12 10.38 5.01
CA GLY C 182 23.97 11.24 5.81
C GLY C 182 23.29 11.95 6.93
N ILE C 183 21.99 11.73 7.05
CA ILE C 183 21.18 12.36 8.08
C ILE C 183 21.50 11.88 9.50
N ASP C 184 21.91 10.60 9.62
CA ASP C 184 22.43 10.07 10.89
C ASP C 184 23.68 10.78 11.35
N HIS C 185 24.55 11.12 10.40
CA HIS C 185 25.80 11.76 10.68
C HIS C 185 25.62 13.24 10.92
N PHE C 186 24.60 13.85 10.27
CA PHE C 186 24.32 15.29 10.40
C PHE C 186 22.89 15.63 10.69
N PRO C 187 22.44 15.37 11.95
CA PRO C 187 21.02 15.61 12.22
C PRO C 187 20.55 17.04 12.06
N ASP C 188 21.47 18.02 12.13
CA ASP C 188 21.09 19.44 11.96
C ASP C 188 20.76 19.74 10.49
N ARG C 189 21.26 18.89 9.58
CA ARG C 189 21.04 19.03 8.15
C ARG C 189 19.80 18.25 7.69
N ALA C 190 19.05 17.65 8.64
CA ALA C 190 17.91 16.77 8.27
C ALA C 190 16.80 17.50 7.47
N GLU C 191 16.45 18.73 7.85
CA GLU C 191 15.46 19.49 7.05
C GLU C 191 15.89 19.62 5.58
N GLU C 192 17.13 20.07 5.38
CA GLU C 192 17.73 20.29 4.07
C GLU C 192 17.80 18.96 3.26
N LEU C 193 18.36 17.92 3.87
CA LEU C 193 18.53 16.63 3.21
C LEU C 193 17.21 15.96 2.85
N LEU C 194 16.23 16.01 3.73
CA LEU C 194 14.90 15.46 3.50
C LEU C 194 14.17 16.21 2.39
N ASN C 195 14.29 17.55 2.41
CA ASN C 195 13.76 18.37 1.33
C ASN C 195 14.33 17.99 -0.01
N THR C 196 15.64 17.79 -0.09
CA THR C 196 16.29 17.35 -1.34
C THR C 196 15.77 16.04 -1.83
N ALA C 197 15.74 15.06 -0.93
CA ALA C 197 15.23 13.74 -1.26
C ALA C 197 13.77 13.81 -1.75
N THR C 199 11.96 16.35 -2.99
CA THR C 199 11.95 17.00 -4.31
C THR C 199 12.48 16.13 -5.40
N LYS C 200 13.55 15.39 -5.16
CA LYS C 200 14.06 14.44 -6.17
C LYS C 200 13.01 13.33 -6.43
N ALA C 201 12.39 12.86 -5.36
CA ALA C 201 11.30 11.82 -5.51
C ALA C 201 10.15 12.29 -6.40
N THR C 202 9.70 13.53 -6.18
CA THR C 202 8.61 14.09 -6.99
C THR C 202 9.00 14.24 -8.46
N GLU C 203 10.23 14.72 -8.69
CA GLU C 203 10.78 14.81 -10.04
C GLU C 203 10.84 13.48 -10.79
N TYR C 204 11.38 12.43 -10.14
CA TYR C 204 11.37 11.09 -10.74
C TYR C 204 9.96 10.64 -11.07
N GLY C 205 8.98 10.97 -10.22
CA GLY C 205 7.62 10.58 -10.54
C GLY C 205 7.16 11.15 -11.88
N LYS C 206 7.68 12.34 -12.22
CA LYS C 206 7.26 13.03 -13.48
C LYS C 206 7.92 12.52 -14.74
N THR C 207 9.10 11.94 -14.62
CA THR C 207 9.90 11.48 -15.76
C THR C 207 10.19 9.99 -15.84
N PHE C 208 10.00 9.25 -14.74
CA PHE C 208 10.34 7.85 -14.75
C PHE C 208 9.35 7.02 -15.56
N SER D 2 40.35 -21.72 21.47
CA SER D 2 39.27 -22.48 22.31
C SER D 2 37.73 -22.64 22.33
N LYS D 3 36.94 -21.58 22.17
CA LYS D 3 35.53 -21.79 21.77
C LYS D 3 35.35 -21.53 20.27
N LEU D 4 34.90 -22.56 19.55
CA LEU D 4 34.64 -22.47 18.12
C LEU D 4 33.13 -22.37 17.89
N LEU D 5 32.69 -21.30 17.26
CA LEU D 5 31.30 -21.18 16.80
C LEU D 5 31.18 -21.63 15.34
N VAL D 6 30.26 -22.55 15.08
CA VAL D 6 29.93 -22.99 13.72
C VAL D 6 28.59 -22.34 13.30
N VAL D 7 28.64 -21.59 12.19
CA VAL D 7 27.46 -20.97 11.61
C VAL D 7 27.14 -21.77 10.34
N LYS D 8 26.17 -22.68 10.43
CA LYS D 8 25.80 -23.49 9.28
C LYS D 8 24.66 -22.73 8.60
N ALA D 9 24.96 -22.16 7.44
CA ALA D 9 24.01 -21.32 6.69
C ALA D 9 23.73 -22.00 5.35
N HIS D 10 23.32 -23.24 5.48
CA HIS D 10 22.76 -24.02 4.37
C HIS D 10 21.57 -24.80 4.93
N PRO D 11 20.40 -24.78 4.21
CA PRO D 11 19.26 -25.59 4.66
C PRO D 11 19.44 -27.12 4.56
N LEU D 12 20.43 -27.59 3.83
CA LEU D 12 20.55 -29.04 3.54
C LEU D 12 21.68 -29.73 4.31
N THR D 13 21.84 -31.04 4.12
CA THR D 13 22.86 -31.82 4.84
C THR D 13 24.12 -32.05 3.98
N LYS D 14 25.13 -32.67 4.59
CA LYS D 14 26.40 -32.96 3.94
C LYS D 14 26.23 -33.85 2.71
N GLU D 15 25.17 -34.66 2.68
CA GLU D 15 24.88 -35.48 1.49
C GLU D 15 24.33 -34.68 0.29
N GLU D 16 23.80 -33.49 0.54
CA GLU D 16 23.16 -32.70 -0.52
C GLU D 16 23.92 -31.42 -0.83
N SER D 17 24.97 -31.14 -0.05
CA SER D 17 25.64 -29.85 -0.05
C SER D 17 27.12 -30.03 0.04
N ARG D 18 27.82 -29.43 -0.93
CA ARG D 18 29.26 -29.31 -0.98
C ARG D 18 29.83 -28.45 0.17
N SER D 19 29.20 -27.30 0.43
CA SER D 19 29.68 -26.50 1.59
C SER D 19 29.51 -27.18 2.95
N VAL D 20 28.43 -27.95 3.13
CA VAL D 20 28.16 -28.62 4.42
C VAL D 20 29.10 -29.83 4.53
N ARG D 21 29.27 -30.56 3.40
CA ARG D 21 30.29 -31.60 3.27
C ARG D 21 31.66 -31.10 3.70
N ALA D 22 32.11 -29.98 3.12
CA ALA D 22 33.40 -29.40 3.49
C ALA D 22 33.46 -28.99 4.97
N LEU D 23 32.38 -28.38 5.45
CA LEU D 23 32.27 -28.05 6.89
C LEU D 23 32.46 -29.25 7.81
N GLU D 24 31.76 -30.33 7.49
CA GLU D 24 31.79 -31.52 8.30
C GLU D 24 33.15 -32.18 8.28
N THR D 25 33.84 -32.19 7.13
CA THR D 25 35.28 -32.59 7.06
C THR D 25 36.18 -31.72 7.93
N PHE D 26 35.95 -30.42 7.85
CA PHE D 26 36.72 -29.47 8.63
C PHE D 26 36.51 -29.78 10.11
N LEU D 27 35.25 -29.95 10.51
CA LEU D 27 34.93 -30.18 11.93
C LEU D 27 35.47 -31.51 12.49
N ALA D 28 35.45 -32.59 11.69
CA ALA D 28 36.03 -33.89 12.11
C ALA D 28 37.52 -33.68 12.43
N SER D 29 38.19 -32.98 11.55
CA SER D 29 39.62 -32.80 11.73
C SER D 29 39.89 -31.87 12.94
N TYR D 30 39.11 -30.80 13.05
CA TYR D 30 39.30 -29.80 14.11
C TYR D 30 39.11 -30.46 15.48
N ARG D 31 38.10 -31.33 15.61
CA ARG D 31 37.80 -31.98 16.91
C ARG D 31 38.92 -32.98 17.26
N GLU D 32 39.36 -33.75 16.28
CA GLU D 32 40.53 -34.64 16.46
C GLU D 32 41.78 -33.86 16.93
N THR D 33 42.00 -32.69 16.35
CA THR D 33 43.14 -31.87 16.69
C THR D 33 42.99 -31.19 18.06
N ASN D 34 41.74 -30.81 18.40
CA ASN D 34 41.48 -30.00 19.57
C ASN D 34 40.35 -30.63 20.41
N PRO D 35 40.60 -31.80 21.00
CA PRO D 35 39.53 -32.55 21.65
C PRO D 35 38.93 -31.88 22.87
N SER D 36 39.58 -30.90 23.47
CA SER D 36 39.01 -30.23 24.61
C SER D 36 38.35 -28.87 24.26
N ASP D 37 38.40 -28.48 22.97
CA ASP D 37 37.78 -27.22 22.55
C ASP D 37 36.24 -27.27 22.60
N GLU D 38 35.66 -26.19 23.04
CA GLU D 38 34.23 -26.07 23.09
C GLU D 38 33.77 -25.71 21.65
N ILE D 39 32.86 -26.55 21.12
CA ILE D 39 32.30 -26.37 19.80
C ILE D 39 30.78 -26.15 19.92
N GLU D 40 30.29 -25.03 19.38
CA GLU D 40 28.88 -24.69 19.46
C GLU D 40 28.35 -24.53 18.03
N ILE D 41 27.25 -25.19 17.72
CA ILE D 41 26.68 -25.22 16.37
C ILE D 41 25.46 -24.33 16.31
N LEU D 42 25.48 -23.39 15.39
CA LEU D 42 24.31 -22.58 15.08
C LEU D 42 23.84 -22.88 13.65
N ASP D 43 22.68 -23.52 13.55
CA ASP D 43 22.11 -23.86 12.26
C ASP D 43 20.99 -22.87 11.98
N VAL D 44 21.33 -21.88 11.16
CA VAL D 44 20.47 -20.71 10.97
C VAL D 44 19.18 -21.06 10.20
N TYR D 45 19.13 -22.22 9.56
CA TYR D 45 17.96 -22.72 8.87
C TYR D 45 17.08 -23.66 9.71
N ALA D 46 17.60 -24.25 10.80
CA ALA D 46 16.79 -25.19 11.59
C ALA D 46 15.67 -24.45 12.32
N PRO D 47 14.45 -25.02 12.34
CA PRO D 47 13.30 -24.34 13.04
C PRO D 47 13.50 -24.16 14.55
N GLU D 48 14.15 -25.14 15.20
CA GLU D 48 14.42 -25.05 16.64
C GLU D 48 15.33 -23.86 16.94
N THR D 49 15.93 -23.30 15.88
CA THR D 49 16.85 -22.19 16.09
C THR D 49 16.11 -20.90 16.42
N ASN D 50 14.86 -20.76 15.97
CA ASN D 50 14.09 -19.53 16.16
C ASN D 50 14.88 -18.32 15.70
N PRO D 52 16.24 -15.05 14.54
CA PRO D 52 15.56 -13.74 14.40
C PRO D 52 15.81 -13.06 13.02
N GLU D 53 14.83 -12.24 12.61
CA GLU D 53 14.95 -11.38 11.46
C GLU D 53 14.62 -9.95 11.94
N ILE D 54 15.40 -8.96 11.51
CA ILE D 54 15.00 -7.56 11.78
C ILE D 54 13.66 -7.34 11.04
N ASP D 55 12.60 -7.05 11.79
CA ASP D 55 11.25 -6.84 11.27
C ASP D 55 10.56 -5.73 12.07
N GLU D 56 9.25 -5.57 11.87
CA GLU D 56 8.56 -4.47 12.56
C GLU D 56 8.64 -4.64 14.12
N GLU D 57 8.38 -5.86 14.57
CA GLU D 57 8.33 -6.13 16.04
C GLU D 57 9.64 -5.78 16.72
N LEU D 58 10.72 -6.18 16.08
CA LEU D 58 12.05 -5.98 16.64
C LEU D 58 12.46 -4.52 16.55
N LEU D 59 12.24 -3.90 15.41
CA LEU D 59 12.59 -2.45 15.25
C LEU D 59 11.81 -1.58 16.22
N SER D 60 10.53 -1.89 16.38
CA SER D 60 9.73 -1.08 17.31
C SER D 60 10.11 -1.36 18.79
N ALA D 61 10.37 -2.62 19.14
CA ALA D 61 10.95 -2.93 20.46
C ALA D 61 12.21 -2.07 20.71
N TRP D 62 13.21 -2.13 19.83
CA TRP D 62 14.40 -1.30 20.01
C TRP D 62 14.09 0.20 20.16
N GLY D 63 13.08 0.69 19.42
CA GLY D 63 12.68 2.09 19.49
C GLY D 63 12.10 2.44 20.87
N ALA D 64 11.17 1.60 21.34
CA ALA D 64 10.57 1.77 22.66
C ALA D 64 11.63 1.71 23.77
N LEU D 65 12.45 0.65 23.80
CA LEU D 65 13.57 0.54 24.77
C LEU D 65 14.52 1.72 24.68
N ARG D 66 14.63 2.30 23.49
CA ARG D 66 15.50 3.47 23.26
C ARG D 66 14.89 4.72 23.95
N ALA D 67 13.57 4.82 23.92
CA ALA D 67 12.84 5.89 24.61
C ALA D 67 12.53 5.44 26.04
N GLY D 68 13.60 5.19 26.79
CA GLY D 68 13.49 4.88 28.22
C GLY D 68 12.56 3.76 28.69
N ALA D 69 11.74 3.18 27.81
CA ALA D 69 10.80 2.12 28.23
C ALA D 69 11.47 0.88 28.80
N ALA D 70 10.74 0.19 29.67
CA ALA D 70 11.25 -1.01 30.33
C ALA D 70 10.97 -2.29 29.54
N PHE D 71 11.99 -3.12 29.37
CA PHE D 71 11.86 -4.45 28.71
C PHE D 71 10.51 -5.14 29.01
N GLU D 72 9.98 -4.91 30.21
CA GLU D 72 8.72 -5.53 30.67
C GLU D 72 7.47 -5.06 29.91
N THR D 73 7.54 -3.84 29.37
CA THR D 73 6.42 -3.22 28.65
C THR D 73 6.17 -3.81 27.24
N LEU D 74 7.22 -4.36 26.61
CA LEU D 74 7.13 -4.98 25.26
C LEU D 74 6.23 -6.20 25.21
N SER D 75 5.60 -6.46 24.07
CA SER D 75 4.79 -7.66 23.87
C SER D 75 5.57 -8.97 24.07
N GLU D 76 4.86 -10.09 24.12
CA GLU D 76 5.49 -11.39 24.23
C GLU D 76 6.45 -11.66 23.09
N ASN D 77 5.97 -11.45 21.86
CA ASN D 77 6.79 -11.66 20.66
C ASN D 77 8.06 -10.81 20.66
N GLN D 78 7.93 -9.55 21.10
CA GLN D 78 9.00 -8.60 21.13
C GLN D 78 10.09 -9.04 22.10
N GLN D 79 9.68 -9.38 23.32
CA GLN D 79 10.57 -9.84 24.35
C GLN D 79 11.35 -11.05 23.89
N GLN D 80 10.66 -12.05 23.32
CA GLN D 80 11.33 -13.24 22.76
C GLN D 80 12.37 -12.84 21.67
N LYS D 81 11.92 -12.03 20.69
CA LYS D 81 12.78 -11.54 19.58
C LYS D 81 14.01 -10.75 20.05
N VAL D 82 13.81 -9.79 20.96
CA VAL D 82 14.88 -8.95 21.47
C VAL D 82 15.93 -9.81 22.22
N ALA D 83 15.44 -10.75 23.04
CA ALA D 83 16.31 -11.63 23.82
C ALA D 83 17.09 -12.57 22.88
N ARG D 84 16.39 -13.11 21.86
CA ARG D 84 16.99 -14.05 20.95
C ARG D 84 18.06 -13.32 20.12
N PHE D 85 17.75 -12.10 19.66
CA PHE D 85 18.72 -11.32 18.89
C PHE D 85 19.98 -11.17 19.75
N ASN D 86 19.80 -10.75 21.00
CA ASN D 86 20.95 -10.47 21.93
C ASN D 86 21.79 -11.71 22.24
N GLU D 87 21.11 -12.85 22.37
CA GLU D 87 21.75 -14.15 22.55
C GLU D 87 22.71 -14.44 21.38
N LEU D 88 22.26 -14.15 20.16
CA LEU D 88 23.13 -14.41 19.02
C LEU D 88 24.35 -13.47 19.03
N THR D 89 24.13 -12.18 19.37
CA THR D 89 25.25 -11.28 19.54
C THR D 89 26.27 -11.80 20.56
N ASP D 90 25.78 -12.22 21.73
CA ASP D 90 26.62 -12.65 22.82
C ASP D 90 27.34 -13.95 22.55
N GLN D 91 26.69 -14.83 21.81
CA GLN D 91 27.31 -16.07 21.33
C GLN D 91 28.54 -15.77 20.42
N PHE D 92 28.41 -14.83 19.47
CA PHE D 92 29.55 -14.44 18.65
C PHE D 92 30.66 -13.86 19.55
N LEU D 93 30.28 -12.98 20.47
CA LEU D 93 31.27 -12.40 21.41
C LEU D 93 32.08 -13.45 22.21
N SER D 94 31.43 -14.58 22.56
CA SER D 94 32.04 -15.63 23.36
C SER D 94 33.01 -16.48 22.53
N ALA D 95 32.87 -16.44 21.20
CA ALA D 95 33.61 -17.33 20.27
C ALA D 95 35.02 -16.78 20.01
N ASP D 96 36.04 -17.62 20.25
CA ASP D 96 37.43 -17.36 19.78
C ASP D 96 37.61 -17.49 18.29
N LYS D 97 36.88 -18.42 17.70
CA LYS D 97 37.05 -18.77 16.28
C LYS D 97 35.63 -18.97 15.73
N VAL D 98 35.43 -18.65 14.45
CA VAL D 98 34.12 -18.77 13.80
C VAL D 98 34.36 -19.43 12.46
N VAL D 99 33.57 -20.46 12.17
CA VAL D 99 33.56 -21.03 10.86
C VAL D 99 32.18 -20.80 10.29
N ILE D 100 32.16 -20.31 9.06
CA ILE D 100 30.88 -19.99 8.38
C ILE D 100 30.80 -20.78 7.09
N ALA D 101 29.71 -21.52 6.92
CA ALA D 101 29.52 -22.34 5.69
C ALA D 101 28.24 -21.94 5.05
N ASN D 102 28.31 -21.72 3.74
CA ASN D 102 27.13 -21.37 2.96
C ASN D 102 27.38 -21.63 1.44
N PRO D 103 26.31 -21.83 0.66
CA PRO D 103 26.44 -21.77 -0.82
C PRO D 103 26.32 -20.31 -1.30
N TRP D 105 24.35 -17.99 -3.51
CA TRP D 105 23.09 -17.93 -4.20
C TRP D 105 22.89 -16.51 -4.68
N ASN D 106 22.88 -16.32 -6.00
CA ASN D 106 22.68 -15.00 -6.65
C ASN D 106 23.70 -13.92 -6.19
N LEU D 107 24.97 -14.30 -6.17
CA LEU D 107 26.07 -13.35 -5.94
C LEU D 107 26.06 -12.69 -4.57
N ASN D 108 25.39 -13.30 -3.59
CA ASN D 108 25.30 -12.74 -2.26
C ASN D 108 25.15 -13.90 -1.30
N VAL D 109 25.13 -13.58 -0.03
CA VAL D 109 24.94 -14.56 1.05
C VAL D 109 23.44 -14.93 1.09
N PRO D 110 23.12 -16.14 1.53
CA PRO D 110 21.74 -16.57 1.70
C PRO D 110 21.05 -15.67 2.72
N THR D 111 19.73 -15.54 2.61
CA THR D 111 18.91 -14.70 3.53
C THR D 111 19.24 -14.86 5.03
N ARG D 112 19.31 -16.10 5.52
CA ARG D 112 19.58 -16.36 6.94
C ARG D 112 21.02 -16.10 7.41
N LEU D 113 21.95 -16.13 6.47
CA LEU D 113 23.31 -15.74 6.75
C LEU D 113 23.33 -14.19 6.93
N LYS D 114 22.70 -13.44 6.03
CA LYS D 114 22.48 -12.00 6.30
C LYS D 114 21.80 -11.80 7.68
N ALA D 115 20.77 -12.59 8.00
CA ALA D 115 20.12 -12.44 9.32
C ALA D 115 21.12 -12.61 10.50
N TRP D 116 22.06 -13.55 10.34
CA TRP D 116 23.11 -13.77 11.35
C TRP D 116 24.07 -12.59 11.42
N VAL D 117 24.55 -12.13 10.26
CA VAL D 117 25.39 -10.90 10.22
C VAL D 117 24.70 -9.71 10.91
N ASP D 118 23.37 -9.56 10.69
CA ASP D 118 22.61 -8.53 11.42
C ASP D 118 22.80 -8.61 12.94
N THR D 119 22.98 -9.81 13.48
CA THR D 119 23.17 -9.95 14.95
C THR D 119 24.59 -9.67 15.45
N ILE D 120 25.56 -9.60 14.56
CA ILE D 120 26.94 -9.45 15.02
C ILE D 120 27.52 -8.07 14.77
N ASN D 121 26.70 -7.19 14.20
CA ASN D 121 27.17 -5.85 13.80
C ASN D 121 26.34 -4.85 14.56
N VAL D 122 26.71 -4.66 15.85
CA VAL D 122 25.87 -4.04 16.89
C VAL D 122 26.68 -2.98 17.70
N ALA D 123 26.29 -1.71 17.56
CA ALA D 123 26.96 -0.59 18.28
C ALA D 123 27.00 -0.75 19.81
N GLY D 124 28.18 -0.57 20.38
CA GLY D 124 28.38 -0.79 21.82
C GLY D 124 28.66 -2.23 22.19
N LYS D 125 28.59 -3.16 21.22
CA LYS D 125 28.86 -4.60 21.51
C LYS D 125 29.95 -5.18 20.63
N THR D 126 29.91 -4.94 19.32
CA THR D 126 30.93 -5.45 18.44
C THR D 126 31.68 -4.31 17.75
N PHE D 127 31.10 -3.11 17.79
CA PHE D 127 31.79 -1.92 17.36
C PHE D 127 31.36 -0.71 18.18
N GLN D 128 32.09 0.39 18.07
CA GLN D 128 31.70 1.59 18.81
C GLN D 128 31.96 2.82 18.00
N TYR D 129 31.23 3.88 18.28
CA TYR D 129 31.44 5.16 17.61
C TYR D 129 32.46 5.94 18.40
N THR D 130 33.45 6.49 17.72
CA THR D 130 34.46 7.34 18.33
C THR D 130 34.51 8.68 17.56
N ALA D 131 35.28 9.64 18.08
CA ALA D 131 35.53 10.91 17.42
C ALA D 131 36.24 10.73 16.09
N GLU D 132 36.93 9.60 15.92
CA GLU D 132 37.62 9.29 14.66
C GLU D 132 36.84 8.37 13.72
N GLY D 133 35.60 8.05 14.08
CA GLY D 133 34.81 7.06 13.34
C GLY D 133 34.49 5.77 14.12
N PRO D 134 33.81 4.82 13.47
CA PRO D 134 33.52 3.62 14.23
C PRO D 134 34.76 2.75 14.34
N LYS D 135 34.84 2.04 15.45
CA LYS D 135 35.99 1.20 15.71
C LYS D 135 35.53 -0.17 16.28
N PRO D 136 36.32 -1.23 16.02
CA PRO D 136 35.88 -2.57 16.44
C PRO D 136 35.93 -2.75 17.96
N LEU D 137 35.06 -3.59 18.49
CA LEU D 137 35.11 -3.92 19.90
C LEU D 137 35.59 -5.36 20.19
N THR D 138 35.98 -6.09 19.17
CA THR D 138 36.52 -7.42 19.36
C THR D 138 37.95 -7.39 18.92
N SER D 139 38.75 -8.31 19.47
CA SER D 139 40.13 -8.43 19.09
C SER D 139 40.58 -9.87 19.18
N GLY D 140 41.45 -10.31 18.29
CA GLY D 140 42.08 -11.63 18.38
C GLY D 140 41.22 -12.79 17.92
N LYS D 141 39.97 -12.55 17.47
CA LYS D 141 39.14 -13.64 16.88
C LYS D 141 39.65 -14.03 15.52
N LYS D 142 39.37 -15.26 15.12
CA LYS D 142 39.66 -15.66 13.77
C LYS D 142 38.49 -16.34 13.10
N ALA D 143 38.42 -16.23 11.79
CA ALA D 143 37.29 -16.73 11.00
C ALA D 143 37.73 -17.53 9.81
N LEU D 144 36.94 -18.56 9.53
CA LEU D 144 37.08 -19.34 8.32
C LEU D 144 35.75 -19.30 7.58
N HIS D 145 35.78 -18.79 6.34
CA HIS D 145 34.66 -18.84 5.47
C HIS D 145 34.72 -20.01 4.47
N ILE D 146 33.74 -20.89 4.52
CA ILE D 146 33.67 -22.04 3.63
C ILE D 146 32.49 -21.81 2.73
N GLN D 147 32.72 -21.62 1.44
CA GLN D 147 31.60 -21.35 0.56
C GLN D 147 31.76 -22.09 -0.76
N SER D 148 30.67 -22.64 -1.27
CA SER D 148 30.68 -23.27 -2.58
C SER D 148 29.98 -22.39 -3.62
N ASN D 149 30.62 -22.21 -4.78
CA ASN D 149 30.11 -21.36 -5.90
C ASN D 149 30.03 -22.16 -7.20
N GLY D 150 29.11 -21.81 -8.08
CA GLY D 150 28.90 -22.50 -9.37
C GLY D 150 30.13 -22.31 -10.23
N GLY D 151 30.52 -21.06 -10.39
CA GLY D 151 31.75 -20.74 -11.11
C GLY D 151 32.98 -20.47 -10.28
N PHE D 152 34.06 -20.12 -10.98
CA PHE D 152 35.31 -19.78 -10.35
C PHE D 152 35.32 -18.27 -10.21
N TYR D 153 35.54 -17.82 -8.98
CA TYR D 153 35.66 -16.40 -8.67
C TYR D 153 37.03 -16.36 -8.05
N GLU D 154 37.63 -15.20 -7.93
CA GLU D 154 38.99 -15.26 -7.37
C GLU D 154 38.92 -14.64 -6.01
N GLY D 155 38.01 -15.18 -5.18
CA GLY D 155 37.69 -14.57 -3.88
C GLY D 155 37.10 -13.19 -4.09
N LYS D 156 36.84 -12.87 -5.36
CA LYS D 156 36.35 -11.55 -5.76
C LYS D 156 34.84 -11.54 -5.89
N ASP D 157 34.20 -12.59 -5.40
CA ASP D 157 32.76 -12.60 -5.44
C ASP D 157 32.20 -11.74 -4.30
N PHE D 158 31.02 -11.18 -4.52
CA PHE D 158 30.41 -10.32 -3.54
C PHE D 158 30.13 -10.99 -2.20
N ALA D 159 29.68 -12.25 -2.23
CA ALA D 159 29.32 -12.93 -0.98
C ALA D 159 30.50 -13.00 -0.01
N SER D 160 31.66 -13.45 -0.49
CA SER D 160 32.82 -13.60 0.39
C SER D 160 33.47 -12.26 0.76
N GLN D 161 33.43 -11.28 -0.15
CA GLN D 161 33.93 -9.93 0.12
C GLN D 161 33.05 -9.27 1.21
N TYR D 162 31.72 -9.45 1.13
CA TYR D 162 30.80 -8.99 2.15
C TYR D 162 31.12 -9.55 3.53
N ILE D 163 31.27 -10.88 3.61
CA ILE D 163 31.57 -11.57 4.83
C ILE D 163 32.87 -11.07 5.44
N LYS D 164 33.90 -10.94 4.60
CA LYS D 164 35.17 -10.42 5.10
C LYS D 164 35.08 -8.97 5.52
N ALA D 165 34.39 -8.13 4.76
CA ALA D 165 34.23 -6.72 5.18
C ALA D 165 33.58 -6.60 6.58
N ILE D 166 32.46 -7.28 6.80
CA ILE D 166 31.76 -7.21 8.10
C ILE D 166 32.66 -7.71 9.24
N LEU D 167 33.30 -8.86 9.03
CA LEU D 167 34.23 -9.43 10.02
C LEU D 167 35.39 -8.50 10.36
N ASN D 168 36.08 -8.00 9.34
CA ASN D 168 37.12 -6.98 9.50
C ASN D 168 36.58 -5.78 10.27
N PHE D 169 35.39 -5.26 9.87
CA PHE D 169 34.75 -4.11 10.55
C PHE D 169 34.71 -4.26 12.08
N ILE D 170 34.36 -5.46 12.55
CA ILE D 170 34.14 -5.67 13.96
C ILE D 170 35.42 -6.19 14.66
N GLY D 171 36.53 -6.23 13.94
CA GLY D 171 37.84 -6.50 14.54
C GLY D 171 38.38 -7.89 14.27
N VAL D 172 37.68 -8.66 13.43
CA VAL D 172 38.22 -9.95 12.99
C VAL D 172 39.14 -9.78 11.78
N ASP D 173 40.44 -9.72 12.06
CA ASP D 173 41.44 -9.48 11.03
C ASP D 173 41.92 -10.73 10.28
N GLN D 174 41.88 -11.90 10.93
CA GLN D 174 42.20 -13.15 10.24
C GLN D 174 40.93 -13.80 9.68
N VAL D 175 40.78 -13.75 8.35
CA VAL D 175 39.62 -14.37 7.70
C VAL D 175 40.18 -15.25 6.60
N ASP D 176 40.17 -16.56 6.86
CA ASP D 176 40.54 -17.55 5.88
C ASP D 176 39.35 -17.91 5.03
N GLY D 177 39.64 -18.41 3.84
CA GLY D 177 38.61 -18.83 2.90
C GLY D 177 38.87 -20.27 2.46
N LEU D 178 37.79 -20.99 2.24
CA LEU D 178 37.84 -22.29 1.58
C LEU D 178 36.69 -22.31 0.60
N PHE D 179 37.03 -22.19 -0.67
CA PHE D 179 36.04 -22.09 -1.74
C PHE D 179 35.92 -23.35 -2.62
N ILE D 180 34.74 -23.96 -2.61
CA ILE D 180 34.46 -25.19 -3.39
C ILE D 180 33.74 -24.74 -4.65
N GLU D 181 34.48 -24.63 -5.75
CA GLU D 181 33.88 -24.00 -6.90
C GLU D 181 34.19 -24.60 -8.29
N GLY D 182 33.42 -24.19 -9.29
CA GLY D 182 33.73 -24.57 -10.67
C GLY D 182 33.05 -25.85 -11.16
N ILE D 183 32.47 -26.63 -10.25
CA ILE D 183 31.89 -27.91 -10.63
C ILE D 183 30.67 -27.73 -11.56
N ASP D 184 29.86 -26.70 -11.30
CA ASP D 184 28.68 -26.46 -12.13
C ASP D 184 29.07 -26.22 -13.60
N HIS D 185 30.21 -25.54 -13.78
CA HIS D 185 30.73 -25.19 -15.10
C HIS D 185 31.52 -26.33 -15.71
N PHE D 186 32.21 -27.13 -14.85
CA PHE D 186 32.96 -28.32 -15.32
C PHE D 186 32.63 -29.61 -14.53
N PRO D 187 31.43 -30.19 -14.76
CA PRO D 187 30.91 -31.31 -13.97
C PRO D 187 31.82 -32.53 -14.05
N ASP D 188 32.56 -32.66 -15.15
CA ASP D 188 33.44 -33.78 -15.32
C ASP D 188 34.66 -33.71 -14.35
N ARG D 189 34.89 -32.54 -13.74
CA ARG D 189 35.98 -32.39 -12.78
C ARG D 189 35.52 -32.49 -11.33
N ALA D 190 34.28 -32.94 -11.08
CA ALA D 190 33.70 -32.93 -9.72
C ALA D 190 34.54 -33.76 -8.74
N GLU D 191 34.79 -35.02 -9.09
CA GLU D 191 35.70 -35.87 -8.27
C GLU D 191 36.98 -35.16 -7.83
N GLU D 192 37.71 -34.52 -8.75
CA GLU D 192 38.97 -33.87 -8.33
C GLU D 192 38.77 -32.56 -7.57
N LEU D 193 37.74 -31.80 -7.94
CA LEU D 193 37.57 -30.50 -7.28
C LEU D 193 37.13 -30.71 -5.84
N LEU D 194 36.27 -31.71 -5.64
CA LEU D 194 35.81 -32.12 -4.32
C LEU D 194 36.92 -32.70 -3.46
N ASN D 195 37.78 -33.49 -4.09
CA ASN D 195 38.88 -34.08 -3.37
C ASN D 195 39.84 -33.03 -2.87
N THR D 196 40.20 -32.08 -3.73
CA THR D 196 41.01 -30.91 -3.35
C THR D 196 40.37 -30.09 -2.18
N ALA D 197 39.07 -29.83 -2.25
CA ALA D 197 38.36 -29.15 -1.18
C ALA D 197 38.34 -29.95 0.15
N THR D 199 40.56 -32.16 1.14
CA THR D 199 41.94 -32.04 1.64
C THR D 199 42.17 -30.72 2.37
N LYS D 200 41.83 -29.60 1.73
CA LYS D 200 41.95 -28.28 2.36
C LYS D 200 41.13 -28.19 3.66
N ALA D 201 39.93 -28.80 3.67
CA ALA D 201 39.04 -28.75 4.85
C ALA D 201 39.71 -29.46 6.02
N THR D 202 40.18 -30.68 5.77
CA THR D 202 40.88 -31.43 6.81
C THR D 202 42.17 -30.75 7.29
N GLU D 203 42.93 -30.16 6.36
CA GLU D 203 44.11 -29.34 6.73
C GLU D 203 43.81 -28.11 7.60
N TYR D 204 42.80 -27.34 7.23
CA TYR D 204 42.32 -26.27 8.10
C TYR D 204 41.96 -26.77 9.48
N GLY D 205 41.34 -27.97 9.61
CA GLY D 205 41.05 -28.51 10.97
C GLY D 205 42.31 -28.69 11.81
N LYS D 206 43.43 -28.96 11.14
CA LYS D 206 44.75 -29.11 11.83
C LYS D 206 45.39 -27.81 12.28
N THR D 207 45.11 -26.72 11.58
CA THR D 207 45.86 -25.50 11.75
C THR D 207 45.02 -24.31 12.28
N PHE D 208 43.72 -24.37 12.06
CA PHE D 208 42.83 -23.22 12.39
C PHE D 208 42.72 -23.01 13.90
#